data_9C9D
#
_entry.id   9C9D
#
_cell.length_a   83.292
_cell.length_b   115.530
_cell.length_c   92.404
_cell.angle_alpha   90.000
_cell.angle_beta   114.600
_cell.angle_gamma   90.000
#
_symmetry.space_group_name_H-M   'P 1 21 1'
#
loop_
_entity.id
_entity.type
_entity.pdbx_description
1 polymer 'Major histocompatibility complex class I-related gene protein'
2 polymer Beta-2-microglobulin
3 polymer 'T Cell Receptor Alpha Variable 1-2'
4 polymer 'T cell receptor beta variable 6-1'
5 polymer 'Leukocyte immunoglobulin-like receptor subfamily B member 2'
6 non-polymer N-(6-formyl-4-oxo-3,4-dihydropteridin-2-yl)acetamide
7 non-polymer GLYCEROL
8 non-polymer 'SULFATE ION'
9 non-polymer '2-(N-MORPHOLINO)-ETHANESULFONIC ACID'
10 non-polymer 'CHLORIDE ION'
11 water water
#
loop_
_entity_poly.entity_id
_entity_poly.type
_entity_poly.pdbx_seq_one_letter_code
_entity_poly.pdbx_strand_id
1 'polypeptide(L)'
;MRTHSLRYFRLGVSDPIHGVPEFISVGYVDSHPITTYDSVTRQKEPRAPWMAENLAPDHWERYTQLLRGWQQMFKVELKR
LQRHYNHSGSHTYQRMIGCELLEDGSTTGFLQYAYDGQDFLIFNKDTLSWLAVDNVAHTIKQAWEANQHELLYQKNWLEE
ECIAWLKRFLEYGKDTLQRTEPPLVRVNRKETFPGVTALFCKAHGFYPPEIYMTWMKNGEEIVQEIDYGDILPSGDGTYQ
AWASIELDPQSSNLYSCHVEHSGVHMVLQVP
;
A
2 'polypeptide(L)'
;MIQRTPKIQVYSRHPAENGKSNFLNCYVSGFHPSDIEVDLLKNGERIEKVEHSDLSFSKDWSFYLLYYTEFTPTEKDEYA
CRVNHVTLSQPKIVKWDRDM
;
B
3 'polypeptide(L)'
;MGQNIDQPTEMTATEGAIVQINCTYQTSGFNGLFWYQQHAGEAPTFLSYNVLDGLEEKGRFSSFLSRSKGYSYLLLKELQ
MKDSASYLCAVKDSNYQLIWGAGTKLIIKPDIQNPDPAVYQLRDSKSSDKSVCLFTDFDSQTNVSQSKDSDVYITDKCVL
DMRSMDFKSNSAVAWSNKSDFACANAFNNSIIPEDTFFPSPESS
;
D
4 'polypeptide(L)'
;MNAGVTQTPKFQVLKTGQSMTLQCAQDMNHNSMYWYRQDPGMGLRLIYYSASEGTTDKGEVPNGYNVSRLNKREFSLRLE
SAAPSQTSVYFCASSVWTGEGSGELFFGEGSRLTVLEDLKNVFPPEVAVFEPSEAEISHTQKATLVCLATGFYPDHVELS
WWVNGKEVHSGVCTDPQPLKEQPALNDSRYALSSRLRVSATFWQNPRNHFRCQVQFYGLSENDEWTQDRAKPVTQIVSAE
AWGRAD
;
E
5 'polypeptide(L)'
;MQTGTIPKPTLWAEPDSVITQGSPVTLSCQGSLEAQEYRLYREKKSASWITRIRPELVKNGQFHIPSITWEHTGRYGCQY
YSRARWSELSDPLVLVMTGAYPKPTLSAQPSPVVTSGGRVTLQCESQVAFGGFILCKEGEDEHPQCLNSQPHARGSSRAI
FSVGPVSPNRRWSHRCYGYDLNSPYVWSSPSDLLELLVPGGSGSGHHHHHH
;
F
#
# COMPACT_ATOMS: atom_id res chain seq x y z
N MET A 1 4.58 30.21 -1.55
CA MET A 1 3.72 29.04 -1.60
C MET A 1 3.34 28.60 -0.19
N ARG A 2 2.07 28.22 -0.02
CA ARG A 2 1.53 27.85 1.28
C ARG A 2 1.66 26.35 1.49
N THR A 3 1.07 25.85 2.59
CA THR A 3 1.16 24.44 2.92
C THR A 3 0.25 23.62 2.01
N HIS A 4 0.78 22.53 1.46
CA HIS A 4 0.02 21.61 0.64
C HIS A 4 0.18 20.20 1.19
N SER A 5 -0.76 19.32 0.82
CA SER A 5 -0.79 17.97 1.35
C SER A 5 -1.25 16.99 0.27
N LEU A 6 -0.73 15.77 0.36
CA LEU A 6 -1.20 14.64 -0.43
C LEU A 6 -1.72 13.58 0.53
N ARG A 7 -2.82 12.93 0.15
CA ARG A 7 -3.46 11.96 1.01
C ARG A 7 -4.02 10.81 0.18
N TYR A 8 -3.97 9.60 0.75
CA TYR A 8 -4.61 8.43 0.18
C TYR A 8 -5.38 7.70 1.27
N PHE A 9 -6.67 7.48 1.06
CA PHE A 9 -7.52 6.80 2.02
C PHE A 9 -7.91 5.43 1.49
N ARG A 10 -8.26 4.54 2.42
CA ARG A 10 -8.79 3.22 2.10
C ARG A 10 -9.91 2.89 3.09
N LEU A 11 -11.05 2.48 2.55
CA LEU A 11 -12.21 2.13 3.36
C LEU A 11 -12.62 0.70 3.04
N GLY A 12 -12.58 -0.17 4.05
CA GLY A 12 -12.98 -1.55 3.91
C GLY A 12 -14.20 -1.82 4.78
N VAL A 13 -15.23 -2.39 4.16
CA VAL A 13 -16.49 -2.68 4.84
C VAL A 13 -16.82 -4.14 4.60
N SER A 14 -16.83 -4.94 5.67
CA SER A 14 -17.27 -6.32 5.58
C SER A 14 -18.78 -6.40 5.65
N ASP A 15 -19.34 -7.39 4.97
CA ASP A 15 -20.78 -7.59 4.87
C ASP A 15 -21.52 -6.29 4.52
N PRO A 16 -21.14 -5.62 3.44
CA PRO A 16 -21.78 -4.34 3.13
C PRO A 16 -23.19 -4.54 2.62
N ILE A 17 -24.07 -3.61 2.97
CA ILE A 17 -25.42 -3.64 2.43
C ILE A 17 -25.34 -3.47 0.92
N HIS A 18 -26.27 -4.12 0.21
CA HIS A 18 -26.25 -4.12 -1.25
C HIS A 18 -26.24 -2.69 -1.80
N GLY A 19 -25.24 -2.41 -2.63
CA GLY A 19 -25.02 -1.09 -3.21
C GLY A 19 -23.78 -0.40 -2.70
N VAL A 20 -23.37 -0.71 -1.46
CA VAL A 20 -22.17 -0.11 -0.86
C VAL A 20 -20.96 -0.97 -1.23
N PRO A 21 -19.89 -0.38 -1.73
CA PRO A 21 -18.73 -1.17 -2.14
C PRO A 21 -17.98 -1.74 -0.93
N GLU A 22 -17.37 -2.90 -1.14
CA GLU A 22 -16.59 -3.52 -0.08
C GLU A 22 -15.27 -2.79 0.15
N PHE A 23 -14.76 -2.10 -0.87
CA PHE A 23 -13.48 -1.42 -0.79
C PHE A 23 -13.57 -0.11 -1.56
N ILE A 24 -13.08 0.98 -0.96
CA ILE A 24 -13.07 2.30 -1.57
C ILE A 24 -11.74 2.97 -1.22
N SER A 25 -11.14 3.63 -2.21
CA SER A 25 -9.86 4.31 -2.03
C SER A 25 -9.84 5.59 -2.85
N VAL A 26 -9.63 6.72 -2.18
CA VAL A 26 -9.67 8.03 -2.81
C VAL A 26 -8.41 8.80 -2.44
N GLY A 27 -7.81 9.46 -3.43
CA GLY A 27 -6.65 10.31 -3.20
C GLY A 27 -7.02 11.78 -3.17
N TYR A 28 -6.23 12.57 -2.45
CA TYR A 28 -6.50 13.99 -2.28
C TYR A 28 -5.22 14.79 -2.40
N VAL A 29 -5.30 15.90 -3.14
CA VAL A 29 -4.34 16.99 -3.05
C VAL A 29 -5.07 18.15 -2.38
N ASP A 30 -4.66 18.47 -1.15
CA ASP A 30 -5.35 19.46 -0.31
C ASP A 30 -6.78 18.98 -0.14
N SER A 31 -7.80 19.76 -0.51
CA SER A 31 -9.19 19.38 -0.35
C SER A 31 -9.81 18.85 -1.65
N HIS A 32 -9.02 18.70 -2.71
CA HIS A 32 -9.54 18.29 -4.00
C HIS A 32 -9.32 16.81 -4.21
N PRO A 33 -10.36 16.02 -4.46
CA PRO A 33 -10.15 14.62 -4.85
C PRO A 33 -9.46 14.55 -6.21
N ILE A 34 -8.49 13.64 -6.31
CA ILE A 34 -7.69 13.48 -7.52
C ILE A 34 -7.88 12.10 -8.14
N THR A 35 -7.99 11.07 -7.32
CA THR A 35 -8.12 9.70 -7.80
C THR A 35 -9.27 9.01 -7.08
N THR A 36 -9.73 7.90 -7.66
CA THR A 36 -10.78 7.10 -7.05
C THR A 36 -10.68 5.66 -7.54
N TYR A 37 -11.14 4.75 -6.68
CA TYR A 37 -11.16 3.33 -6.98
C TYR A 37 -12.09 2.65 -5.99
N ASP A 38 -12.87 1.69 -6.46
CA ASP A 38 -13.71 0.89 -5.57
C ASP A 38 -13.77 -0.54 -6.10
N SER A 39 -14.29 -1.42 -5.26
CA SER A 39 -14.43 -2.83 -5.58
C SER A 39 -15.48 -3.11 -6.65
N VAL A 40 -16.34 -2.13 -6.96
CA VAL A 40 -17.34 -2.34 -7.98
C VAL A 40 -16.78 -2.05 -9.36
N THR A 41 -16.13 -0.89 -9.52
CA THR A 41 -15.54 -0.56 -10.81
C THR A 41 -14.28 -1.36 -11.09
N ARG A 42 -13.51 -1.67 -10.04
CA ARG A 42 -12.24 -2.38 -10.19
C ARG A 42 -11.28 -1.64 -11.11
N GLN A 43 -11.47 -0.33 -11.25
CA GLN A 43 -10.63 0.52 -12.07
C GLN A 43 -10.29 1.79 -11.30
N LYS A 44 -9.05 2.23 -11.43
CA LYS A 44 -8.59 3.48 -10.84
C LYS A 44 -8.63 4.57 -11.90
N GLU A 45 -9.33 5.66 -11.61
CA GLU A 45 -9.59 6.71 -12.57
C GLU A 45 -9.44 8.07 -11.89
N PRO A 46 -9.16 9.12 -12.65
CA PRO A 46 -8.96 10.44 -12.06
C PRO A 46 -10.27 11.09 -11.65
N ARG A 47 -10.18 11.95 -10.64
CA ARG A 47 -11.31 12.71 -10.13
CA ARG A 47 -11.31 12.71 -10.13
C ARG A 47 -11.16 14.21 -10.36
N ALA A 48 -10.12 14.64 -11.07
CA ALA A 48 -9.91 16.04 -11.39
C ALA A 48 -9.45 16.12 -12.84
N PRO A 49 -9.89 17.15 -13.57
CA PRO A 49 -9.50 17.24 -14.99
C PRO A 49 -8.01 17.41 -15.20
N TRP A 50 -7.34 18.20 -14.36
CA TRP A 50 -5.90 18.38 -14.48
C TRP A 50 -5.11 17.15 -14.08
N MET A 51 -5.78 16.11 -13.54
CA MET A 51 -5.14 14.83 -13.29
C MET A 51 -5.21 13.91 -14.51
N ALA A 52 -6.32 13.93 -15.24
CA ALA A 52 -6.45 13.09 -16.42
C ALA A 52 -5.59 13.61 -17.58
N GLU A 53 -5.42 14.92 -17.68
CA GLU A 53 -4.70 15.49 -18.81
C GLU A 53 -3.20 15.23 -18.72
N ASN A 54 -2.65 15.15 -17.51
CA ASN A 54 -1.21 15.04 -17.33
C ASN A 54 -0.72 13.62 -17.06
N LEU A 55 -1.61 12.71 -16.65
CA LEU A 55 -1.23 11.34 -16.34
C LEU A 55 -1.63 10.42 -17.49
N ALA A 56 -0.64 9.76 -18.09
CA ALA A 56 -0.88 8.91 -19.24
C ALA A 56 -1.74 7.70 -18.86
N PRO A 57 -2.31 7.01 -19.85
CA PRO A 57 -3.00 5.75 -19.55
C PRO A 57 -2.12 4.72 -18.86
N ASP A 58 -0.80 4.82 -19.01
CA ASP A 58 0.11 3.92 -18.30
C ASP A 58 -0.08 4.02 -16.80
N HIS A 59 -0.21 5.24 -16.28
CA HIS A 59 -0.36 5.44 -14.84
C HIS A 59 -1.59 4.75 -14.30
N TRP A 60 -2.72 4.89 -15.00
CA TRP A 60 -3.97 4.35 -14.49
C TRP A 60 -4.06 2.84 -14.62
N GLU A 61 -3.48 2.27 -15.68
CA GLU A 61 -3.45 0.82 -15.81
C GLU A 61 -2.57 0.19 -14.74
N ARG A 62 -1.44 0.82 -14.44
N ARG A 62 -1.45 0.84 -14.42
CA ARG A 62 -0.53 0.28 -13.44
CA ARG A 62 -0.52 0.27 -13.45
C ARG A 62 -1.16 0.27 -12.06
C ARG A 62 -1.10 0.31 -12.03
N TYR A 63 -1.83 1.37 -11.69
CA TYR A 63 -2.41 1.48 -10.36
C TYR A 63 -3.77 0.80 -10.26
N THR A 64 -4.47 0.59 -11.37
CA THR A 64 -5.63 -0.29 -11.34
C THR A 64 -5.22 -1.69 -10.93
N GLN A 65 -4.09 -2.18 -11.46
CA GLN A 65 -3.59 -3.49 -11.06
C GLN A 65 -3.10 -3.49 -9.62
N LEU A 66 -2.48 -2.39 -9.17
CA LEU A 66 -1.95 -2.34 -7.81
C LEU A 66 -3.07 -2.33 -6.78
N LEU A 67 -4.12 -1.55 -7.01
CA LEU A 67 -5.18 -1.44 -6.01
C LEU A 67 -6.06 -2.69 -5.98
N ARG A 68 -6.17 -3.41 -7.09
CA ARG A 68 -6.87 -4.69 -7.05
C ARG A 68 -6.25 -5.64 -6.04
N GLY A 69 -4.92 -5.63 -5.96
CA GLY A 69 -4.24 -6.42 -4.93
C GLY A 69 -4.37 -5.82 -3.55
N TRP A 70 -4.32 -4.48 -3.48
CA TRP A 70 -4.50 -3.81 -2.20
C TRP A 70 -5.91 -4.02 -1.67
N GLN A 71 -6.91 -4.01 -2.55
CA GLN A 71 -8.26 -4.36 -2.15
C GLN A 71 -8.31 -5.76 -1.56
N GLN A 72 -7.65 -6.72 -2.21
CA GLN A 72 -7.54 -8.06 -1.67
C GLN A 72 -6.83 -8.07 -0.33
N MET A 73 -5.72 -7.32 -0.23
CA MET A 73 -5.00 -7.21 1.03
C MET A 73 -5.90 -6.68 2.14
N PHE A 74 -6.66 -5.61 1.85
CA PHE A 74 -7.50 -5.01 2.87
C PHE A 74 -8.59 -5.96 3.34
N LYS A 75 -9.05 -6.85 2.47
CA LYS A 75 -10.08 -7.80 2.85
C LYS A 75 -9.57 -8.79 3.89
N VAL A 76 -8.38 -9.34 3.67
CA VAL A 76 -7.88 -10.37 4.57
C VAL A 76 -7.45 -9.77 5.90
N GLU A 77 -6.94 -8.53 5.91
CA GLU A 77 -6.56 -7.89 7.16
C GLU A 77 -7.79 -7.61 8.02
N LEU A 78 -8.87 -7.14 7.39
CA LEU A 78 -10.11 -6.91 8.13
C LEU A 78 -10.70 -8.23 8.61
N LYS A 79 -10.71 -9.25 7.75
CA LYS A 79 -11.14 -10.58 8.18
C LYS A 79 -10.28 -11.10 9.32
N ARG A 80 -8.97 -10.81 9.27
CA ARG A 80 -8.08 -11.22 10.34
C ARG A 80 -8.41 -10.48 11.63
N LEU A 81 -8.74 -9.19 11.53
CA LEU A 81 -9.04 -8.40 12.73
C LEU A 81 -10.33 -8.89 13.39
N GLN A 82 -11.38 -9.11 12.60
CA GLN A 82 -12.62 -9.63 13.16
C GLN A 82 -12.41 -11.00 13.77
N ARG A 83 -11.51 -11.80 13.22
CA ARG A 83 -11.18 -13.09 13.81
C ARG A 83 -10.54 -12.91 15.19
N HIS A 84 -9.60 -11.96 15.30
CA HIS A 84 -8.96 -11.70 16.59
C HIS A 84 -9.96 -11.17 17.60
N TYR A 85 -10.79 -10.21 17.19
CA TYR A 85 -11.79 -9.63 18.08
C TYR A 85 -13.00 -10.54 18.29
N ASN A 86 -13.09 -11.66 17.57
CA ASN A 86 -14.29 -12.49 17.54
C ASN A 86 -15.52 -11.66 17.23
N HIS A 87 -15.41 -10.84 16.19
CA HIS A 87 -16.48 -9.97 15.74
C HIS A 87 -17.18 -10.59 14.54
N SER A 88 -18.51 -10.46 14.52
CA SER A 88 -19.33 -10.94 13.43
C SER A 88 -20.04 -9.76 12.77
N GLY A 89 -20.56 -10.01 11.58
CA GLY A 89 -21.32 -8.98 10.89
C GLY A 89 -20.43 -7.98 10.18
N SER A 90 -20.90 -6.73 10.15
CA SER A 90 -20.25 -5.66 9.39
C SER A 90 -19.33 -4.85 10.30
N HIS A 91 -18.11 -4.62 9.84
CA HIS A 91 -17.15 -3.77 10.52
C HIS A 91 -16.34 -3.02 9.47
N THR A 92 -15.78 -1.88 9.87
CA THR A 92 -15.06 -1.01 8.97
C THR A 92 -13.57 -1.05 9.26
N TYR A 93 -12.76 -0.98 8.21
CA TYR A 93 -11.31 -0.93 8.29
C TYR A 93 -10.84 0.25 7.45
N GLN A 94 -10.06 1.14 8.06
CA GLN A 94 -9.65 2.37 7.39
C GLN A 94 -8.14 2.52 7.45
N ARG A 95 -7.60 3.23 6.46
CA ARG A 95 -6.17 3.51 6.38
C ARG A 95 -5.98 4.85 5.67
N MET A 96 -5.09 5.68 6.20
CA MET A 96 -4.76 6.95 5.58
C MET A 96 -3.25 7.14 5.59
N ILE A 97 -2.68 7.37 4.42
CA ILE A 97 -1.27 7.71 4.27
C ILE A 97 -1.18 9.05 3.56
N GLY A 98 -0.09 9.77 3.80
CA GLY A 98 0.09 11.03 3.12
C GLY A 98 1.23 11.83 3.72
N CYS A 99 1.41 13.03 3.16
CA CYS A 99 2.49 13.91 3.54
C CYS A 99 2.05 15.35 3.34
N GLU A 100 2.81 16.28 3.91
CA GLU A 100 2.57 17.70 3.75
C GLU A 100 3.87 18.41 3.43
N LEU A 101 3.80 19.39 2.53
CA LEU A 101 4.91 20.29 2.24
C LEU A 101 4.57 21.63 2.88
N LEU A 102 5.15 21.89 4.05
CA LEU A 102 4.85 23.10 4.79
C LEU A 102 5.33 24.34 4.03
N GLU A 103 4.94 25.51 4.54
CA GLU A 103 5.26 26.75 3.86
C GLU A 103 6.75 27.04 3.89
N ASP A 104 7.42 26.71 5.00
CA ASP A 104 8.84 26.97 5.16
C ASP A 104 9.73 25.89 4.54
N GLY A 105 9.19 25.09 3.62
CA GLY A 105 9.94 24.01 3.02
C GLY A 105 10.01 22.74 3.83
N SER A 106 9.60 22.77 5.10
CA SER A 106 9.59 21.58 5.93
C SER A 106 8.54 20.59 5.44
N THR A 107 8.74 19.32 5.79
CA THR A 107 7.84 18.26 5.37
C THR A 107 7.38 17.45 6.58
N THR A 108 6.20 16.84 6.44
CA THR A 108 5.67 15.91 7.42
C THR A 108 5.17 14.68 6.70
N GLY A 109 5.01 13.59 7.46
CA GLY A 109 4.50 12.35 6.91
C GLY A 109 3.75 11.53 7.95
N PHE A 110 2.67 10.87 7.52
CA PHE A 110 1.84 10.11 8.44
C PHE A 110 1.35 8.84 7.77
N LEU A 111 1.02 7.85 8.60
CA LEU A 111 0.48 6.57 8.12
C LEU A 111 -0.28 5.95 9.28
N GLN A 112 -1.60 5.87 9.15
CA GLN A 112 -2.47 5.43 10.24
C GLN A 112 -3.49 4.41 9.74
N TYR A 113 -3.95 3.58 10.68
CA TYR A 113 -5.01 2.61 10.42
C TYR A 113 -6.13 2.82 11.44
N ALA A 114 -7.33 2.39 11.07
CA ALA A 114 -8.49 2.51 11.94
C ALA A 114 -9.37 1.28 11.81
N TYR A 115 -9.97 0.88 12.94
CA TYR A 115 -10.92 -0.23 12.98
C TYR A 115 -12.17 0.25 13.69
N ASP A 116 -13.29 0.25 12.98
CA ASP A 116 -14.58 0.70 13.52
C ASP A 116 -14.53 2.14 14.00
N GLY A 117 -13.81 2.98 13.26
CA GLY A 117 -13.77 4.40 13.54
C GLY A 117 -12.85 4.85 14.65
N GLN A 118 -12.01 3.96 15.18
CA GLN A 118 -11.09 4.29 16.25
C GLN A 118 -9.66 4.13 15.76
N ASP A 119 -8.76 4.93 16.35
CA ASP A 119 -7.34 4.81 16.06
C ASP A 119 -6.87 3.41 16.42
N PHE A 120 -6.32 2.70 15.44
CA PHE A 120 -5.86 1.33 15.63
C PHE A 120 -4.33 1.24 15.64
N LEU A 121 -3.68 1.67 14.56
CA LEU A 121 -2.22 1.65 14.47
C LEU A 121 -1.74 2.93 13.82
N ILE A 122 -0.84 3.63 14.51
CA ILE A 122 -0.23 4.87 14.02
C ILE A 122 1.25 4.62 13.81
N PHE A 123 1.75 4.99 12.63
CA PHE A 123 3.16 4.80 12.30
C PHE A 123 3.98 5.99 12.76
N ASN A 124 5.18 5.70 13.25
CA ASN A 124 6.15 6.72 13.66
C ASN A 124 7.39 6.51 12.80
N LYS A 125 7.53 7.32 11.75
CA LYS A 125 8.66 7.16 10.85
C LYS A 125 9.98 7.61 11.46
N ASP A 126 9.94 8.34 12.58
CA ASP A 126 11.18 8.72 13.26
C ASP A 126 11.76 7.54 14.04
N THR A 127 10.97 6.97 14.94
CA THR A 127 11.40 5.83 15.74
C THR A 127 11.21 4.49 15.03
N LEU A 128 10.69 4.51 13.79
CA LEU A 128 10.45 3.29 13.01
C LEU A 128 9.65 2.28 13.81
N SER A 129 8.49 2.72 14.31
CA SER A 129 7.67 1.90 15.18
C SER A 129 6.20 2.16 14.91
N TRP A 130 5.37 1.22 15.33
CA TRP A 130 3.92 1.33 15.25
C TRP A 130 3.35 1.51 16.64
N LEU A 131 2.48 2.51 16.81
CA LEU A 131 1.81 2.73 18.08
C LEU A 131 0.51 1.92 18.10
N ALA A 132 0.42 0.98 19.05
CA ALA A 132 -0.69 0.06 19.14
C ALA A 132 -1.66 0.50 20.22
N VAL A 133 -2.96 0.38 19.92
CA VAL A 133 -4.00 0.87 20.83
C VAL A 133 -4.37 -0.17 21.88
N ASP A 134 -4.37 -1.45 21.54
CA ASP A 134 -4.73 -2.49 22.49
C ASP A 134 -3.91 -3.74 22.20
N ASN A 135 -4.30 -4.85 22.81
CA ASN A 135 -3.48 -6.07 22.76
C ASN A 135 -3.48 -6.69 21.36
N VAL A 136 -4.65 -6.72 20.71
CA VAL A 136 -4.72 -7.26 19.36
C VAL A 136 -3.98 -6.36 18.38
N ALA A 137 -4.05 -5.05 18.58
CA ALA A 137 -3.24 -4.13 17.79
C ALA A 137 -1.76 -4.39 18.03
N HIS A 138 -1.38 -4.63 19.28
CA HIS A 138 0.02 -4.93 19.60
C HIS A 138 0.48 -6.22 18.92
N THR A 139 -0.43 -7.18 18.74
CA THR A 139 -0.09 -8.39 18.01
C THR A 139 0.24 -8.07 16.55
N ILE A 140 -0.55 -7.18 15.93
CA ILE A 140 -0.24 -6.75 14.57
C ILE A 140 1.04 -5.93 14.56
N LYS A 141 1.27 -5.14 15.61
CA LYS A 141 2.47 -4.31 15.68
C LYS A 141 3.73 -5.15 15.64
N GLN A 142 3.79 -6.21 16.45
CA GLN A 142 4.98 -7.05 16.49
C GLN A 142 5.24 -7.74 15.16
N ALA A 143 4.17 -8.14 14.46
CA ALA A 143 4.34 -8.78 13.16
C ALA A 143 4.87 -7.79 12.13
N TRP A 144 4.37 -6.56 12.14
CA TRP A 144 4.82 -5.55 11.18
C TRP A 144 6.24 -5.09 11.49
N GLU A 145 6.58 -4.97 12.78
CA GLU A 145 7.92 -4.53 13.14
C GLU A 145 8.96 -5.61 12.93
N ALA A 146 8.55 -6.87 12.81
CA ALA A 146 9.50 -7.92 12.48
C ALA A 146 10.06 -7.74 11.07
N ASN A 147 9.31 -7.08 10.19
CA ASN A 147 9.76 -6.79 8.83
C ASN A 147 10.37 -5.38 8.82
N GLN A 148 11.65 -5.33 9.20
CA GLN A 148 12.32 -4.04 9.33
C GLN A 148 12.46 -3.33 7.99
N HIS A 149 12.65 -4.08 6.90
CA HIS A 149 12.80 -3.45 5.59
C HIS A 149 11.52 -2.76 5.15
N GLU A 150 10.36 -3.24 5.61
CA GLU A 150 9.10 -2.60 5.24
C GLU A 150 8.96 -1.23 5.90
N LEU A 151 9.33 -1.14 7.18
CA LEU A 151 9.29 0.15 7.87
C LEU A 151 10.19 1.17 7.19
N LEU A 152 11.36 0.73 6.73
CA LEU A 152 12.26 1.63 6.01
C LEU A 152 11.64 2.09 4.70
N TYR A 153 11.07 1.15 3.94
CA TYR A 153 10.41 1.51 2.68
C TYR A 153 9.31 2.53 2.90
N GLN A 154 8.54 2.37 3.98
CA GLN A 154 7.47 3.33 4.27
C GLN A 154 8.04 4.66 4.71
N LYS A 155 9.15 4.64 5.46
CA LYS A 155 9.80 5.89 5.84
C LYS A 155 10.29 6.64 4.61
N ASN A 156 10.93 5.93 3.67
CA ASN A 156 11.42 6.57 2.46
C ASN A 156 10.27 7.09 1.60
N TRP A 157 9.18 6.33 1.51
CA TRP A 157 8.04 6.77 0.73
C TRP A 157 7.41 8.02 1.33
N LEU A 158 7.28 8.06 2.66
CA LEU A 158 6.65 9.20 3.31
C LEU A 158 7.50 10.47 3.16
N GLU A 159 8.81 10.35 3.33
CA GLU A 159 9.68 11.51 3.35
C GLU A 159 10.16 11.93 1.96
N GLU A 160 10.25 10.99 1.02
CA GLU A 160 10.80 11.28 -0.30
C GLU A 160 9.79 11.09 -1.41
N GLU A 161 9.21 9.89 -1.55
CA GLU A 161 8.35 9.62 -2.70
C GLU A 161 7.04 10.39 -2.63
N CYS A 162 6.43 10.47 -1.45
CA CYS A 162 5.16 11.18 -1.32
C CYS A 162 5.32 12.65 -1.68
N ILE A 163 6.38 13.30 -1.17
CA ILE A 163 6.62 14.70 -1.48
C ILE A 163 6.89 14.89 -2.96
N ALA A 164 7.53 13.90 -3.61
CA ALA A 164 7.76 13.98 -5.04
C ALA A 164 6.45 13.98 -5.81
N TRP A 165 5.51 13.12 -5.42
CA TRP A 165 4.19 13.12 -6.05
C TRP A 165 3.45 14.42 -5.79
N LEU A 166 3.58 14.97 -4.58
CA LEU A 166 2.84 16.17 -4.21
C LEU A 166 3.25 17.35 -5.06
N LYS A 167 4.56 17.60 -5.19
CA LYS A 167 5.03 18.69 -6.03
C LYS A 167 4.61 18.48 -7.48
N ARG A 168 4.61 17.22 -7.93
CA ARG A 168 4.23 16.93 -9.31
C ARG A 168 2.75 17.20 -9.55
N PHE A 169 1.89 16.83 -8.60
CA PHE A 169 0.46 17.08 -8.76
C PHE A 169 0.13 18.55 -8.60
N LEU A 170 0.85 19.26 -7.74
CA LEU A 170 0.64 20.70 -7.59
C LEU A 170 0.84 21.41 -8.92
N GLU A 171 1.88 21.03 -9.68
CA GLU A 171 2.13 21.68 -10.96
C GLU A 171 1.05 21.34 -11.97
N TYR A 172 0.55 20.10 -11.94
CA TYR A 172 -0.50 19.70 -12.88
C TYR A 172 -1.74 20.58 -12.75
N GLY A 173 -2.11 20.91 -11.50
CA GLY A 173 -3.27 21.75 -11.28
C GLY A 173 -2.97 22.99 -10.49
N LYS A 174 -1.87 23.68 -10.84
CA LYS A 174 -1.51 24.89 -10.13
C LYS A 174 -2.52 26.01 -10.35
N ASP A 175 -3.24 25.96 -11.48
CA ASP A 175 -4.27 26.96 -11.73
C ASP A 175 -5.41 26.85 -10.72
N THR A 176 -5.66 25.64 -10.21
CA THR A 176 -6.71 25.41 -9.22
C THR A 176 -6.16 25.37 -7.79
N LEU A 177 -4.99 24.75 -7.59
CA LEU A 177 -4.49 24.52 -6.24
C LEU A 177 -3.76 25.75 -5.69
N GLN A 178 -3.01 26.45 -6.53
CA GLN A 178 -2.18 27.56 -6.09
C GLN A 178 -2.83 28.92 -6.32
N ARG A 179 -4.07 28.95 -6.77
CA ARG A 179 -4.77 30.22 -6.97
C ARG A 179 -5.21 30.78 -5.61
N THR A 180 -5.63 32.04 -5.63
CA THR A 180 -6.13 32.70 -4.43
C THR A 180 -7.31 33.57 -4.78
N GLU A 181 -8.43 33.36 -4.10
CA GLU A 181 -9.61 34.21 -4.23
C GLU A 181 -9.92 34.81 -2.87
N PRO A 182 -9.69 36.10 -2.66
CA PRO A 182 -9.87 36.65 -1.31
C PRO A 182 -11.33 36.66 -0.89
N PRO A 183 -11.60 36.64 0.41
CA PRO A 183 -12.99 36.58 0.86
C PRO A 183 -13.69 37.91 0.73
N LEU A 184 -15.02 37.82 0.63
CA LEU A 184 -15.92 38.99 0.66
C LEU A 184 -16.52 39.03 2.06
N VAL A 185 -16.05 39.97 2.88
CA VAL A 185 -16.41 40.05 4.30
C VAL A 185 -17.38 41.19 4.50
N ARG A 186 -18.49 40.92 5.17
CA ARG A 186 -19.50 41.91 5.49
C ARG A 186 -19.95 41.72 6.93
N VAL A 187 -20.05 42.82 7.67
CA VAL A 187 -20.50 42.80 9.05
C VAL A 187 -21.90 43.40 9.11
N ASN A 188 -22.86 42.62 9.61
CA ASN A 188 -24.22 43.08 9.79
C ASN A 188 -24.66 42.78 11.22
N ARG A 189 -25.82 43.32 11.60
CA ARG A 189 -26.31 43.19 12.96
C ARG A 189 -27.82 42.95 12.94
N LYS A 190 -28.28 42.10 13.86
CA LYS A 190 -29.71 41.84 13.99
C LYS A 190 -30.02 41.61 15.47
N GLU A 191 -31.24 41.95 15.86
CA GLU A 191 -31.71 41.76 17.23
C GLU A 191 -32.41 40.41 17.31
N THR A 192 -31.67 39.38 17.74
CA THR A 192 -32.25 38.04 17.85
C THR A 192 -33.31 38.00 18.93
N PHE A 193 -32.98 38.48 20.13
CA PHE A 193 -33.84 38.46 21.30
C PHE A 193 -34.14 39.89 21.73
N PRO A 194 -35.25 40.10 22.44
CA PRO A 194 -35.53 41.43 23.00
C PRO A 194 -34.40 41.89 23.91
N GLY A 195 -33.87 43.07 23.63
CA GLY A 195 -32.75 43.58 24.40
C GLY A 195 -31.43 42.89 24.14
N VAL A 196 -31.32 42.17 23.02
CA VAL A 196 -30.11 41.45 22.66
C VAL A 196 -29.79 41.74 21.21
N THR A 197 -28.65 42.37 20.95
CA THR A 197 -28.17 42.63 19.61
C THR A 197 -26.94 41.77 19.33
N ALA A 198 -26.85 41.26 18.11
CA ALA A 198 -25.77 40.36 17.73
C ALA A 198 -25.08 40.89 16.48
N LEU A 199 -23.75 40.88 16.51
CA LEU A 199 -22.94 41.26 15.36
C LEU A 199 -22.52 40.02 14.61
N PHE A 200 -22.72 40.02 13.29
CA PHE A 200 -22.39 38.88 12.44
C PHE A 200 -21.33 39.30 11.43
N CYS A 201 -20.20 38.59 11.44
CA CYS A 201 -19.14 38.79 10.46
C CYS A 201 -19.20 37.61 9.49
N LYS A 202 -19.61 37.89 8.26
CA LYS A 202 -19.82 36.85 7.26
C LYS A 202 -18.83 37.01 6.11
N ALA A 203 -18.16 35.91 5.76
CA ALA A 203 -17.22 35.88 4.64
C ALA A 203 -17.64 34.78 3.68
N HIS A 204 -17.42 35.02 2.39
CA HIS A 204 -17.78 34.04 1.36
C HIS A 204 -16.93 34.26 0.13
N GLY A 205 -16.98 33.29 -0.77
CA GLY A 205 -16.30 33.39 -2.05
C GLY A 205 -14.79 33.32 -1.97
N PHE A 206 -14.24 32.64 -0.97
CA PHE A 206 -12.80 32.58 -0.78
C PHE A 206 -12.27 31.17 -1.04
N TYR A 207 -11.02 31.12 -1.49
CA TYR A 207 -10.25 29.90 -1.71
C TYR A 207 -8.79 30.27 -1.48
N PRO A 208 -8.01 29.42 -0.81
CA PRO A 208 -8.34 28.12 -0.22
C PRO A 208 -9.30 28.22 0.97
N PRO A 209 -9.95 27.11 1.35
CA PRO A 209 -10.91 27.17 2.45
C PRO A 209 -10.32 27.51 3.80
N GLU A 210 -9.00 27.47 3.96
CA GLU A 210 -8.38 27.80 5.23
C GLU A 210 -8.61 29.27 5.56
N ILE A 211 -9.33 29.53 6.64
CA ILE A 211 -9.63 30.89 7.07
C ILE A 211 -9.91 30.87 8.57
N TYR A 212 -9.54 31.98 9.24
CA TYR A 212 -9.77 32.15 10.66
C TYR A 212 -10.33 33.54 10.88
N MET A 213 -11.50 33.62 11.51
CA MET A 213 -12.16 34.89 11.75
C MET A 213 -12.56 34.98 13.22
N THR A 214 -12.02 35.97 13.92
CA THR A 214 -12.33 36.21 15.32
C THR A 214 -12.86 37.62 15.50
N TRP A 215 -13.62 37.81 16.58
CA TRP A 215 -14.04 39.13 17.02
C TRP A 215 -13.13 39.60 18.14
N MET A 216 -12.90 40.92 18.18
CA MET A 216 -11.99 41.51 19.15
C MET A 216 -12.55 42.83 19.64
N LYS A 217 -12.82 42.91 20.93
CA LYS A 217 -13.21 44.15 21.58
C LYS A 217 -11.96 44.90 22.01
N ASN A 218 -11.86 46.16 21.62
CA ASN A 218 -10.71 47.01 21.93
C ASN A 218 -9.43 46.35 21.41
N GLY A 219 -8.60 45.83 22.30
CA GLY A 219 -7.42 45.10 21.89
C GLY A 219 -7.48 43.63 22.31
N GLU A 220 -8.42 43.30 23.18
CA GLU A 220 -8.55 41.95 23.71
C GLU A 220 -9.42 41.10 22.77
N GLU A 221 -9.64 39.86 23.19
CA GLU A 221 -10.44 38.90 22.42
C GLU A 221 -11.88 39.36 22.23
N GLN A 224 -15.92 37.41 26.98
CA GLN A 224 -17.11 36.84 26.37
C GLN A 224 -16.76 35.62 25.53
N GLU A 225 -17.78 34.96 24.98
CA GLU A 225 -17.61 33.80 24.11
C GLU A 225 -18.07 34.14 22.70
N ILE A 226 -17.30 33.68 21.72
CA ILE A 226 -17.57 33.95 20.31
C ILE A 226 -18.21 32.72 19.69
N ASP A 227 -19.30 32.92 18.95
CA ASP A 227 -20.02 31.86 18.27
C ASP A 227 -19.51 31.77 16.83
N TYR A 228 -18.91 30.63 16.50
CA TYR A 228 -18.26 30.45 15.20
C TYR A 228 -19.14 29.62 14.26
N GLY A 229 -18.98 29.87 12.96
CA GLY A 229 -19.61 29.09 11.93
C GLY A 229 -18.57 28.28 11.18
N ASP A 230 -18.97 27.11 10.69
CA ASP A 230 -18.03 26.23 10.03
C ASP A 230 -17.70 26.75 8.62
N ILE A 231 -16.53 26.34 8.14
CA ILE A 231 -16.09 26.64 6.78
C ILE A 231 -16.81 25.65 5.86
N LEU A 232 -17.85 26.12 5.17
CA LEU A 232 -18.66 25.22 4.36
C LEU A 232 -18.38 25.42 2.88
N PRO A 233 -18.38 24.35 2.09
CA PRO A 233 -18.21 24.51 0.64
C PRO A 233 -19.47 25.07 0.01
N SER A 234 -19.29 26.10 -0.81
CA SER A 234 -20.43 26.73 -1.48
C SER A 234 -20.87 25.98 -2.72
N GLY A 235 -20.05 25.06 -3.23
CA GLY A 235 -20.39 24.26 -4.39
C GLY A 235 -19.84 24.78 -5.71
N ASP A 236 -19.36 26.03 -5.74
CA ASP A 236 -18.80 26.60 -6.96
C ASP A 236 -17.27 26.67 -6.92
N GLY A 237 -16.64 26.00 -5.96
CA GLY A 237 -15.20 26.05 -5.81
C GLY A 237 -14.71 26.96 -4.70
N THR A 238 -15.60 27.75 -4.09
CA THR A 238 -15.26 28.64 -2.99
C THR A 238 -15.96 28.19 -1.73
N TYR A 239 -15.63 28.87 -0.62
CA TYR A 239 -16.12 28.48 0.69
C TYR A 239 -16.68 29.71 1.42
N GLN A 240 -17.37 29.44 2.52
CA GLN A 240 -17.97 30.50 3.33
C GLN A 240 -17.88 30.12 4.80
N ALA A 241 -17.91 31.14 5.65
CA ALA A 241 -17.83 30.96 7.10
C ALA A 241 -18.30 32.25 7.76
N TRP A 242 -18.51 32.18 9.07
CA TRP A 242 -18.98 33.35 9.81
C TRP A 242 -18.59 33.21 11.27
N ALA A 243 -18.68 34.33 11.99
CA ALA A 243 -18.41 34.37 13.43
C ALA A 243 -19.23 35.50 14.03
N SER A 244 -19.91 35.20 15.14
CA SER A 244 -20.85 36.14 15.75
C SER A 244 -20.54 36.33 17.22
N ILE A 245 -21.04 37.44 17.77
CA ILE A 245 -20.90 37.78 19.18
C ILE A 245 -22.19 38.44 19.65
N GLU A 246 -22.35 38.50 20.96
CA GLU A 246 -23.53 39.11 21.59
C GLU A 246 -23.14 40.47 22.15
N LEU A 247 -23.82 41.51 21.71
CA LEU A 247 -23.48 42.87 22.08
C LEU A 247 -24.00 43.21 23.48
N ASP A 248 -23.14 43.79 24.30
CA ASP A 248 -23.56 44.38 25.56
C ASP A 248 -24.04 45.80 25.28
N PRO A 249 -25.33 46.08 25.44
CA PRO A 249 -25.84 47.40 25.03
C PRO A 249 -25.29 48.54 25.87
N GLN A 250 -25.16 48.35 27.19
CA GLN A 250 -24.65 49.41 28.05
C GLN A 250 -23.15 49.60 27.89
N SER A 251 -22.45 48.63 27.32
CA SER A 251 -21.00 48.74 27.15
C SER A 251 -20.67 49.74 26.05
N SER A 252 -19.83 50.72 26.39
CA SER A 252 -19.36 51.72 25.43
C SER A 252 -18.16 51.24 24.63
N ASN A 253 -17.89 49.94 24.62
CA ASN A 253 -16.72 49.39 23.94
C ASN A 253 -16.98 49.32 22.44
N LEU A 254 -15.89 49.16 21.69
CA LEU A 254 -15.93 49.03 20.24
C LEU A 254 -15.41 47.66 19.84
N TYR A 255 -16.15 46.98 18.98
CA TYR A 255 -15.79 45.66 18.49
C TYR A 255 -15.32 45.75 17.04
N SER A 256 -14.52 44.76 16.64
CA SER A 256 -13.95 44.73 15.31
C SER A 256 -13.74 43.28 14.89
N CYS A 257 -14.14 42.96 13.66
CA CYS A 257 -13.95 41.61 13.12
C CYS A 257 -12.61 41.51 12.42
N HIS A 258 -11.84 40.49 12.77
CA HIS A 258 -10.55 40.23 12.16
C HIS A 258 -10.63 38.99 11.29
N VAL A 259 -10.17 39.11 10.04
CA VAL A 259 -10.20 38.02 9.08
C VAL A 259 -8.81 37.86 8.49
N GLU A 260 -8.27 36.65 8.54
CA GLU A 260 -6.95 36.33 8.01
C GLU A 260 -7.10 35.23 6.97
N HIS A 261 -6.52 35.43 5.79
CA HIS A 261 -6.69 34.48 4.69
C HIS A 261 -5.51 34.60 3.74
N SER A 262 -4.80 33.48 3.53
CA SER A 262 -3.66 33.42 2.61
C SER A 262 -2.63 34.50 2.91
N GLY A 263 -2.31 34.65 4.19
CA GLY A 263 -1.31 35.63 4.60
C GLY A 263 -1.74 37.06 4.41
N VAL A 264 -3.04 37.34 4.53
CA VAL A 264 -3.56 38.71 4.44
C VAL A 264 -4.49 38.92 5.62
N HIS A 265 -4.14 39.84 6.50
CA HIS A 265 -4.95 40.15 7.66
C HIS A 265 -5.91 41.29 7.31
N MET A 266 -7.14 41.20 7.83
CA MET A 266 -8.19 42.15 7.51
C MET A 266 -8.94 42.49 8.80
N VAL A 267 -9.24 43.78 8.99
CA VAL A 267 -9.91 44.27 10.19
C VAL A 267 -11.09 45.13 9.78
N LEU A 268 -12.25 44.84 10.36
CA LEU A 268 -13.49 45.59 10.07
C LEU A 268 -13.99 46.17 11.40
N GLN A 269 -13.73 47.46 11.61
CA GLN A 269 -14.20 48.13 12.81
C GLN A 269 -15.69 48.39 12.75
N VAL A 270 -16.28 48.62 13.92
CA VAL A 270 -17.72 48.85 14.03
C VAL A 270 -17.98 50.16 14.78
N MET B 1 -16.98 -0.50 19.54
CA MET B 1 -16.74 0.40 18.41
C MET B 1 -17.08 1.84 18.80
N ILE B 2 -17.04 2.73 17.82
CA ILE B 2 -17.44 4.12 18.00
C ILE B 2 -18.34 4.52 16.82
N GLN B 3 -19.36 5.32 17.11
CA GLN B 3 -20.25 5.85 16.10
C GLN B 3 -20.41 7.34 16.32
N ARG B 4 -20.41 8.11 15.24
CA ARG B 4 -20.50 9.56 15.30
C ARG B 4 -21.73 10.02 14.54
N THR B 5 -22.56 10.84 15.20
CA THR B 5 -23.80 11.29 14.59
C THR B 5 -23.52 12.39 13.56
N PRO B 6 -24.27 12.42 12.45
CA PRO B 6 -23.96 13.37 11.39
C PRO B 6 -24.32 14.80 11.76
N LYS B 7 -23.46 15.73 11.35
CA LYS B 7 -23.73 17.16 11.48
C LYS B 7 -24.30 17.67 10.17
N ILE B 8 -25.53 18.19 10.22
CA ILE B 8 -26.29 18.56 9.03
C ILE B 8 -26.42 20.07 9.00
N GLN B 9 -25.92 20.70 7.94
CA GLN B 9 -25.99 22.15 7.78
C GLN B 9 -26.60 22.46 6.41
N VAL B 10 -27.67 23.23 6.40
CA VAL B 10 -28.41 23.57 5.19
C VAL B 10 -28.25 25.06 4.93
N TYR B 11 -27.89 25.41 3.70
CA TYR B 11 -27.56 26.78 3.37
C TYR B 11 -27.60 26.94 1.85
N SER B 12 -27.55 28.20 1.42
CA SER B 12 -27.53 28.54 0.01
C SER B 12 -26.12 28.93 -0.42
N ARG B 13 -25.80 28.66 -1.69
CA ARG B 13 -24.48 29.01 -2.21
C ARG B 13 -24.24 30.51 -2.11
N HIS B 14 -25.14 31.30 -2.69
CA HIS B 14 -25.11 32.75 -2.63
C HIS B 14 -26.19 33.26 -1.70
N PRO B 15 -26.07 34.50 -1.24
CA PRO B 15 -27.16 35.10 -0.45
C PRO B 15 -28.47 35.07 -1.22
N ALA B 16 -29.52 34.57 -0.57
CA ALA B 16 -30.78 34.28 -1.24
C ALA B 16 -31.55 35.56 -1.53
N GLU B 17 -31.85 35.80 -2.80
CA GLU B 17 -32.76 36.86 -3.23
C GLU B 17 -33.92 36.20 -3.96
N ASN B 18 -35.14 36.48 -3.49
CA ASN B 18 -36.31 35.82 -4.04
C ASN B 18 -36.47 36.12 -5.52
N GLY B 19 -36.64 35.06 -6.32
CA GLY B 19 -36.71 35.16 -7.76
C GLY B 19 -35.39 34.95 -8.46
N LYS B 20 -34.27 35.20 -7.79
CA LYS B 20 -32.95 34.98 -8.35
C LYS B 20 -32.52 33.54 -8.13
N SER B 21 -32.02 32.90 -9.19
CA SER B 21 -31.60 31.51 -9.10
C SER B 21 -30.45 31.36 -8.13
N ASN B 22 -30.37 30.18 -7.50
CA ASN B 22 -29.35 29.89 -6.51
C ASN B 22 -29.19 28.38 -6.42
N PHE B 23 -28.41 27.92 -5.45
CA PHE B 23 -28.20 26.51 -5.19
C PHE B 23 -28.43 26.23 -3.70
N LEU B 24 -29.12 25.13 -3.41
CA LEU B 24 -29.38 24.71 -2.05
C LEU B 24 -28.40 23.61 -1.66
N ASN B 25 -27.60 23.87 -0.64
CA ASN B 25 -26.58 22.94 -0.18
C ASN B 25 -26.99 22.29 1.14
N CYS B 26 -26.80 20.97 1.23
CA CYS B 26 -26.90 20.25 2.49
C CYS B 26 -25.58 19.53 2.70
N TYR B 27 -24.85 19.94 3.73
CA TYR B 27 -23.50 19.45 4.00
C TYR B 27 -23.55 18.56 5.23
N VAL B 28 -23.54 17.25 5.01
CA VAL B 28 -23.55 16.26 6.08
C VAL B 28 -22.11 15.81 6.32
N SER B 29 -21.66 15.92 7.58
CA SER B 29 -20.24 15.74 7.87
C SER B 29 -20.05 15.10 9.23
N GLY B 30 -18.88 14.51 9.42
CA GLY B 30 -18.46 14.01 10.72
C GLY B 30 -19.20 12.80 11.21
N PHE B 31 -19.78 12.00 10.33
CA PHE B 31 -20.54 10.83 10.73
C PHE B 31 -19.73 9.55 10.51
N HIS B 32 -20.11 8.52 11.27
CA HIS B 32 -19.49 7.20 11.19
C HIS B 32 -20.45 6.17 11.77
N PRO B 33 -20.67 5.03 11.11
CA PRO B 33 -20.04 4.56 9.87
C PRO B 33 -20.50 5.26 8.59
N SER B 34 -20.15 4.69 7.44
CA SER B 34 -20.28 5.39 6.17
C SER B 34 -21.66 5.29 5.55
N ASP B 35 -22.48 4.32 5.95
CA ASP B 35 -23.81 4.19 5.37
C ASP B 35 -24.70 5.33 5.84
N ILE B 36 -25.35 6.02 4.90
CA ILE B 36 -26.16 7.18 5.22
C ILE B 36 -27.18 7.38 4.10
N GLU B 37 -28.20 8.20 4.37
CA GLU B 37 -29.30 8.44 3.44
C GLU B 37 -29.67 9.91 3.54
N VAL B 38 -29.52 10.64 2.43
CA VAL B 38 -29.72 12.09 2.42
C VAL B 38 -30.71 12.45 1.32
N ASP B 39 -31.66 13.33 1.64
CA ASP B 39 -32.65 13.80 0.69
C ASP B 39 -32.90 15.29 0.92
N LEU B 40 -33.12 16.01 -0.17
CA LEU B 40 -33.54 17.41 -0.12
C LEU B 40 -35.06 17.49 -0.29
N LEU B 41 -35.69 18.36 0.48
CA LEU B 41 -37.14 18.44 0.53
C LEU B 41 -37.61 19.82 0.12
N LYS B 42 -38.61 19.87 -0.75
CA LYS B 42 -39.31 21.11 -1.11
C LYS B 42 -40.73 20.98 -0.59
N ASN B 43 -41.05 21.70 0.49
CA ASN B 43 -42.36 21.65 1.13
C ASN B 43 -42.70 20.24 1.59
N GLY B 44 -41.69 19.52 2.07
CA GLY B 44 -41.88 18.18 2.59
C GLY B 44 -41.72 17.06 1.58
N GLU B 45 -41.78 17.36 0.29
CA GLU B 45 -41.65 16.33 -0.73
C GLU B 45 -40.22 16.22 -1.22
N ARG B 46 -39.82 15.00 -1.56
CA ARG B 46 -38.45 14.73 -1.97
C ARG B 46 -38.17 15.32 -3.35
N ILE B 47 -37.00 15.94 -3.48
CA ILE B 47 -36.52 16.45 -4.75
C ILE B 47 -35.65 15.39 -5.40
N GLU B 48 -35.97 15.03 -6.65
CA GLU B 48 -35.21 14.00 -7.35
C GLU B 48 -34.05 14.56 -8.16
N LYS B 49 -34.12 15.82 -8.59
CA LYS B 49 -33.04 16.44 -9.36
C LYS B 49 -31.77 16.68 -8.53
N VAL B 50 -31.69 16.12 -7.32
CA VAL B 50 -30.56 16.38 -6.43
C VAL B 50 -29.35 15.57 -6.89
N GLU B 51 -28.20 16.23 -6.99
CA GLU B 51 -26.94 15.58 -7.25
C GLU B 51 -25.99 15.83 -6.08
N HIS B 52 -25.16 14.85 -5.77
CA HIS B 52 -24.29 14.90 -4.61
C HIS B 52 -22.86 14.64 -5.02
N SER B 53 -21.94 14.97 -4.10
CA SER B 53 -20.54 14.65 -4.27
C SER B 53 -20.30 13.17 -3.94
N ASP B 54 -19.06 12.74 -4.08
CA ASP B 54 -18.70 11.39 -3.67
C ASP B 54 -18.37 11.37 -2.18
N LEU B 55 -18.39 10.18 -1.60
CA LEU B 55 -18.08 10.02 -0.19
C LEU B 55 -16.64 10.43 0.07
N SER B 56 -16.45 11.28 1.08
CA SER B 56 -15.15 11.84 1.40
C SER B 56 -14.78 11.53 2.83
N PHE B 57 -13.47 11.53 3.09
CA PHE B 57 -12.92 11.07 4.37
C PHE B 57 -12.21 12.21 5.09
N SER B 58 -12.01 12.01 6.39
CA SER B 58 -11.34 12.97 7.24
C SER B 58 -10.22 12.29 8.02
N LYS B 59 -9.30 13.11 8.54
CA LYS B 59 -8.20 12.59 9.34
C LYS B 59 -8.70 11.88 10.60
N ASP B 60 -9.85 12.31 11.12
CA ASP B 60 -10.45 11.69 12.30
C ASP B 60 -11.31 10.49 11.95
N TRP B 61 -11.20 9.98 10.73
CA TRP B 61 -11.86 8.78 10.21
C TRP B 61 -13.35 8.99 9.95
N SER B 62 -13.88 10.19 10.14
CA SER B 62 -15.28 10.44 9.84
C SER B 62 -15.47 10.70 8.35
N PHE B 63 -16.72 10.73 7.93
CA PHE B 63 -17.07 10.92 6.52
C PHE B 63 -17.89 12.19 6.36
N TYR B 64 -17.91 12.71 5.13
CA TYR B 64 -18.71 13.88 4.85
C TYR B 64 -19.15 13.89 3.39
N LEU B 65 -20.33 14.45 3.15
CA LEU B 65 -20.93 14.55 1.83
C LEU B 65 -21.53 15.93 1.64
N LEU B 66 -21.77 16.30 0.39
CA LEU B 66 -22.46 17.55 0.06
C LEU B 66 -23.53 17.24 -0.98
N TYR B 67 -24.79 17.30 -0.56
CA TYR B 67 -25.94 17.17 -1.46
C TYR B 67 -26.41 18.56 -1.85
N TYR B 68 -26.67 18.76 -3.13
CA TYR B 68 -27.04 20.07 -3.62
C TYR B 68 -27.95 19.94 -4.84
N THR B 69 -28.74 20.99 -5.06
CA THR B 69 -29.59 21.08 -6.24
C THR B 69 -29.86 22.54 -6.52
N GLU B 70 -30.24 22.83 -7.76
CA GLU B 70 -30.55 24.19 -8.18
C GLU B 70 -32.03 24.50 -7.88
N PHE B 71 -32.27 25.72 -7.44
CA PHE B 71 -33.64 26.13 -7.10
C PHE B 71 -33.74 27.64 -7.20
N THR B 72 -34.98 28.13 -7.15
CA THR B 72 -35.27 29.55 -7.12
C THR B 72 -36.08 29.85 -5.86
N PRO B 73 -35.50 30.49 -4.85
CA PRO B 73 -36.20 30.64 -3.58
C PRO B 73 -37.33 31.65 -3.65
N THR B 74 -38.46 31.29 -3.02
CA THR B 74 -39.59 32.18 -2.87
C THR B 74 -39.95 32.28 -1.39
N GLU B 75 -40.74 33.30 -1.05
CA GLU B 75 -41.20 33.43 0.32
C GLU B 75 -42.19 32.35 0.70
N LYS B 76 -42.84 31.73 -0.28
CA LYS B 76 -43.84 30.69 -0.01
C LYS B 76 -43.23 29.31 0.13
N ASP B 77 -42.10 29.06 -0.51
CA ASP B 77 -41.49 27.73 -0.54
C ASP B 77 -40.61 27.51 0.69
N GLU B 78 -40.70 26.30 1.25
CA GLU B 78 -39.90 25.90 2.39
C GLU B 78 -39.04 24.70 1.97
N TYR B 79 -37.73 24.85 2.12
CA TYR B 79 -36.78 23.80 1.75
C TYR B 79 -36.11 23.25 3.00
N ALA B 80 -35.78 21.96 2.96
CA ALA B 80 -35.18 21.28 4.10
C ALA B 80 -34.32 20.12 3.61
N CYS B 81 -33.57 19.54 4.54
CA CYS B 81 -32.72 18.39 4.26
C CYS B 81 -33.08 17.28 5.24
N ARG B 82 -33.21 16.06 4.74
CA ARG B 82 -33.62 14.91 5.54
C ARG B 82 -32.52 13.87 5.49
N VAL B 83 -31.97 13.51 6.65
CA VAL B 83 -30.84 12.60 6.75
C VAL B 83 -31.19 11.48 7.72
N ASN B 84 -30.83 10.25 7.34
CA ASN B 84 -31.07 9.07 8.16
C ASN B 84 -29.74 8.34 8.36
N HIS B 85 -29.46 7.97 9.61
CA HIS B 85 -28.19 7.34 9.96
C HIS B 85 -28.45 6.35 11.10
N VAL B 86 -27.50 5.43 11.28
CA VAL B 86 -27.65 4.42 12.33
C VAL B 86 -27.70 5.06 13.70
N THR B 87 -27.05 6.22 13.88
CA THR B 87 -27.07 6.91 15.15
C THR B 87 -28.40 7.62 15.42
N LEU B 88 -29.26 7.75 14.42
CA LEU B 88 -30.53 8.46 14.57
C LEU B 88 -31.67 7.46 14.74
N SER B 89 -32.47 7.66 15.79
CA SER B 89 -33.64 6.82 15.99
C SER B 89 -34.63 6.98 14.84
N GLN B 90 -34.99 8.21 14.54
CA GLN B 90 -35.78 8.58 13.37
C GLN B 90 -34.93 9.41 12.42
N PRO B 91 -35.35 9.52 11.16
CA PRO B 91 -34.69 10.48 10.26
C PRO B 91 -34.72 11.88 10.84
N LYS B 92 -33.68 12.66 10.55
CA LYS B 92 -33.55 14.01 11.04
C LYS B 92 -33.74 14.99 9.89
N ILE B 93 -34.55 16.01 10.12
CA ILE B 93 -34.84 17.04 9.12
C ILE B 93 -34.32 18.38 9.63
N VAL B 94 -33.57 19.07 8.78
CA VAL B 94 -33.01 20.38 9.09
C VAL B 94 -33.59 21.37 8.09
N LYS B 95 -34.50 22.22 8.55
CA LYS B 95 -35.10 23.23 7.68
C LYS B 95 -34.08 24.29 7.31
N TRP B 96 -34.24 24.86 6.12
CA TRP B 96 -33.36 25.92 5.64
C TRP B 96 -33.81 27.25 6.23
N ASP B 97 -33.06 27.75 7.20
CA ASP B 97 -33.27 29.09 7.74
C ASP B 97 -32.65 30.09 6.76
N ARG B 98 -33.50 30.84 6.06
CA ARG B 98 -33.00 31.74 5.01
C ARG B 98 -32.19 32.88 5.61
N ASP B 99 -32.64 33.45 6.73
CA ASP B 99 -31.90 34.53 7.38
C ASP B 99 -30.85 33.97 8.33
N GLY C 2 15.57 6.23 -21.20
CA GLY C 2 14.62 6.07 -20.11
C GLY C 2 15.28 5.62 -18.82
N GLN C 3 14.62 4.71 -18.12
CA GLN C 3 15.18 4.18 -16.87
C GLN C 3 16.44 3.37 -17.17
N ASN C 4 17.49 3.59 -16.38
CA ASN C 4 18.79 3.01 -16.68
C ASN C 4 19.43 2.49 -15.41
N ILE C 5 20.08 1.34 -15.51
CA ILE C 5 20.88 0.76 -14.43
C ILE C 5 22.19 0.25 -15.03
N ASP C 6 23.30 0.64 -14.42
CA ASP C 6 24.63 0.32 -14.94
C ASP C 6 25.39 -0.52 -13.93
N GLN C 7 25.73 -1.74 -14.31
CA GLN C 7 26.65 -2.60 -13.59
C GLN C 7 27.88 -2.85 -14.45
N PRO C 8 29.04 -3.10 -13.84
CA PRO C 8 30.17 -3.62 -14.62
C PRO C 8 29.82 -4.98 -15.20
N THR C 9 30.21 -5.20 -16.46
CA THR C 9 29.83 -6.43 -17.14
C THR C 9 30.42 -7.65 -16.45
N GLU C 10 31.67 -7.54 -15.97
CA GLU C 10 32.38 -8.69 -15.44
C GLU C 10 33.49 -8.19 -14.53
N MET C 11 33.69 -8.90 -13.42
CA MET C 11 34.75 -8.59 -12.48
C MET C 11 35.45 -9.86 -12.04
N THR C 12 36.76 -9.77 -11.83
CA THR C 12 37.56 -10.91 -11.41
C THR C 12 38.37 -10.51 -10.17
N ALA C 13 38.44 -11.43 -9.21
CA ALA C 13 39.25 -11.23 -8.02
C ALA C 13 39.77 -12.59 -7.55
N THR C 14 40.72 -12.56 -6.62
CA THR C 14 41.34 -13.76 -6.09
C THR C 14 40.70 -14.12 -4.74
N GLU C 15 40.59 -15.42 -4.48
CA GLU C 15 39.90 -15.87 -3.28
C GLU C 15 40.61 -15.36 -2.03
N GLY C 16 39.82 -15.14 -0.98
CA GLY C 16 40.33 -14.56 0.25
C GLY C 16 40.41 -13.05 0.27
N ALA C 17 40.24 -12.40 -0.88
CA ALA C 17 40.35 -10.95 -0.99
C ALA C 17 38.97 -10.32 -0.87
N ILE C 18 38.81 -9.11 -1.43
CA ILE C 18 37.60 -8.33 -1.32
C ILE C 18 37.24 -7.79 -2.70
N VAL C 19 35.97 -7.92 -3.08
CA VAL C 19 35.46 -7.36 -4.33
C VAL C 19 34.31 -6.41 -4.00
N GLN C 20 34.19 -5.35 -4.80
CA GLN C 20 33.14 -4.36 -4.64
C GLN C 20 32.49 -4.14 -6.00
N ILE C 21 31.20 -4.49 -6.11
CA ILE C 21 30.45 -4.39 -7.35
C ILE C 21 29.56 -3.16 -7.25
N ASN C 22 29.84 -2.15 -8.07
CA ASN C 22 29.08 -0.91 -8.05
C ASN C 22 27.82 -1.04 -8.92
N CYS C 23 26.79 -0.29 -8.54
CA CYS C 23 25.55 -0.22 -9.30
C CYS C 23 25.02 1.21 -9.24
N THR C 24 24.97 1.87 -10.39
CA THR C 24 24.39 3.20 -10.50
C THR C 24 23.09 3.14 -11.29
N TYR C 25 22.10 3.92 -10.87
CA TYR C 25 20.77 3.84 -11.43
C TYR C 25 20.19 5.23 -11.64
N GLN C 26 19.47 5.39 -12.75
CA GLN C 26 18.66 6.59 -13.00
C GLN C 26 17.25 6.12 -13.27
N THR C 27 16.35 6.33 -12.31
CA THR C 27 14.98 5.83 -12.41
C THR C 27 14.00 6.94 -12.04
N SER C 28 12.77 6.77 -12.51
CA SER C 28 11.66 7.66 -12.16
C SER C 28 11.18 7.26 -10.77
N GLY C 29 11.68 7.97 -9.75
CA GLY C 29 11.38 7.62 -8.38
C GLY C 29 12.19 6.44 -7.90
N PHE C 30 12.10 6.18 -6.60
CA PHE C 30 12.92 5.14 -5.98
C PHE C 30 12.18 4.58 -4.77
N ASN C 31 11.92 3.27 -4.79
CA ASN C 31 11.30 2.57 -3.66
C ASN C 31 12.16 1.41 -3.19
N GLY C 32 13.47 1.50 -3.39
CA GLY C 32 14.37 0.47 -2.90
C GLY C 32 15.24 -0.16 -3.97
N LEU C 33 16.43 -0.60 -3.57
CA LEU C 33 17.39 -1.24 -4.48
C LEU C 33 17.65 -2.66 -4.00
N PHE C 34 17.60 -3.61 -4.92
CA PHE C 34 17.78 -5.02 -4.61
C PHE C 34 19.10 -5.54 -5.18
N TRP C 35 19.68 -6.50 -4.48
CA TRP C 35 20.81 -7.28 -4.98
C TRP C 35 20.41 -8.74 -5.01
N TYR C 36 20.67 -9.41 -6.13
CA TYR C 36 20.35 -10.81 -6.30
C TYR C 36 21.59 -11.57 -6.74
N GLN C 37 21.79 -12.77 -6.19
CA GLN C 37 22.84 -13.67 -6.63
C GLN C 37 22.23 -14.73 -7.53
N GLN C 38 22.88 -14.99 -8.66
CA GLN C 38 22.42 -16.01 -9.60
C GLN C 38 23.62 -16.85 -10.04
N HIS C 39 23.72 -18.07 -9.53
CA HIS C 39 24.78 -18.96 -9.97
C HIS C 39 24.53 -19.43 -11.39
N ALA C 40 25.58 -19.95 -12.01
CA ALA C 40 25.53 -20.35 -13.41
C ALA C 40 24.43 -21.39 -13.65
N GLY C 41 23.50 -21.05 -14.54
CA GLY C 41 22.43 -21.98 -14.88
C GLY C 41 21.44 -22.25 -13.77
N GLU C 42 21.38 -21.39 -12.75
CA GLU C 42 20.43 -21.61 -11.67
C GLU C 42 19.56 -20.37 -11.44
N ALA C 43 18.79 -20.37 -10.36
CA ALA C 43 17.80 -19.31 -10.17
C ALA C 43 18.37 -18.18 -9.33
N PRO C 44 18.02 -16.94 -9.68
CA PRO C 44 18.41 -15.80 -8.84
C PRO C 44 17.84 -15.95 -7.43
N THR C 45 18.66 -15.65 -6.43
CA THR C 45 18.24 -15.66 -5.04
C THR C 45 18.51 -14.30 -4.41
N PHE C 46 17.63 -13.90 -3.51
CA PHE C 46 17.68 -12.58 -2.92
C PHE C 46 18.88 -12.44 -1.97
N LEU C 47 19.56 -11.30 -2.07
CA LEU C 47 20.74 -11.01 -1.26
C LEU C 47 20.49 -9.90 -0.25
N SER C 48 20.08 -8.72 -0.70
CA SER C 48 19.96 -7.57 0.18
C SER C 48 18.94 -6.59 -0.38
N TYR C 49 18.60 -5.60 0.44
CA TYR C 49 17.64 -4.56 0.07
C TYR C 49 18.01 -3.27 0.79
N ASN C 50 18.12 -2.18 0.02
CA ASN C 50 18.44 -0.87 0.58
C ASN C 50 17.43 0.15 0.06
N VAL C 51 16.84 0.90 0.98
CA VAL C 51 15.98 2.03 0.62
C VAL C 51 16.40 3.32 1.30
N LEU C 52 17.17 3.28 2.37
CA LEU C 52 17.72 4.46 3.00
C LEU C 52 19.23 4.48 2.85
N ASP C 53 19.80 5.68 2.95
CA ASP C 53 21.25 5.83 2.86
C ASP C 53 21.92 5.15 4.04
N GLY C 54 23.01 4.44 3.75
CA GLY C 54 23.78 3.79 4.77
C GLY C 54 24.33 2.47 4.27
N LEU C 55 24.95 1.72 5.19
CA LEU C 55 25.56 0.44 4.89
C LEU C 55 24.91 -0.63 5.75
N GLU C 56 24.33 -1.64 5.10
CA GLU C 56 23.82 -2.82 5.77
C GLU C 56 24.76 -3.99 5.52
N GLU C 57 25.05 -4.75 6.58
CA GLU C 57 26.01 -5.84 6.51
C GLU C 57 25.39 -7.07 7.15
N LYS C 58 25.28 -8.16 6.38
CA LYS C 58 24.83 -9.45 6.89
C LYS C 58 25.88 -10.49 6.52
N GLY C 59 26.71 -10.87 7.49
CA GLY C 59 27.76 -11.83 7.22
C GLY C 59 28.90 -11.21 6.44
N ARG C 60 29.42 -11.97 5.47
CA ARG C 60 30.50 -11.48 4.62
C ARG C 60 30.04 -10.47 3.59
N PHE C 61 28.73 -10.27 3.44
CA PHE C 61 28.18 -9.42 2.39
C PHE C 61 27.71 -8.10 2.99
N SER C 62 27.99 -7.02 2.27
CA SER C 62 27.58 -5.68 2.68
C SER C 62 26.93 -4.97 1.51
N SER C 63 25.95 -4.12 1.82
CA SER C 63 25.23 -3.36 0.81
C SER C 63 25.13 -1.91 1.25
N PHE C 64 25.60 -0.99 0.41
CA PHE C 64 25.58 0.43 0.67
C PHE C 64 24.69 1.12 -0.34
N LEU C 65 24.01 2.18 0.10
CA LEU C 65 23.14 2.95 -0.77
C LEU C 65 23.39 4.44 -0.56
N SER C 66 23.37 5.18 -1.66
CA SER C 66 23.40 6.65 -1.64
C SER C 66 22.32 7.14 -2.59
N ARG C 67 21.16 7.49 -2.04
CA ARG C 67 20.06 7.95 -2.88
C ARG C 67 20.41 9.26 -3.60
N SER C 68 21.19 10.12 -2.93
CA SER C 68 21.57 11.39 -3.55
C SER C 68 22.36 11.17 -4.83
N LYS C 69 23.34 10.28 -4.79
CA LYS C 69 24.20 10.01 -5.94
C LYS C 69 23.64 8.92 -6.85
N GLY C 70 22.52 8.30 -6.47
CA GLY C 70 21.97 7.20 -7.25
C GLY C 70 22.98 6.08 -7.40
N TYR C 71 23.55 5.65 -6.28
CA TYR C 71 24.72 4.77 -6.30
C TYR C 71 24.60 3.72 -5.21
N SER C 72 25.02 2.50 -5.54
CA SER C 72 25.03 1.40 -4.59
C SER C 72 26.18 0.47 -4.93
N TYR C 73 26.65 -0.27 -3.93
CA TYR C 73 27.63 -1.32 -4.18
C TYR C 73 27.36 -2.51 -3.27
N LEU C 74 27.74 -3.69 -3.77
CA LEU C 74 27.68 -4.93 -3.01
C LEU C 74 29.12 -5.33 -2.67
N LEU C 75 29.41 -5.42 -1.39
CA LEU C 75 30.76 -5.69 -0.90
C LEU C 75 30.84 -7.13 -0.42
N LEU C 76 31.78 -7.89 -0.97
CA LEU C 76 32.00 -9.28 -0.59
C LEU C 76 33.38 -9.39 0.05
N LYS C 77 33.40 -9.75 1.33
CA LYS C 77 34.64 -9.93 2.07
C LYS C 77 34.99 -11.41 2.18
N GLU C 78 36.29 -11.70 2.27
CA GLU C 78 36.79 -13.05 2.45
C GLU C 78 36.28 -13.98 1.34
N LEU C 79 36.67 -13.64 0.11
CA LEU C 79 36.10 -14.28 -1.06
C LEU C 79 36.35 -15.79 -1.06
N GLN C 80 35.33 -16.54 -1.48
CA GLN C 80 35.41 -17.98 -1.59
C GLN C 80 35.02 -18.39 -3.01
N MET C 81 35.45 -19.58 -3.42
CA MET C 81 35.18 -20.05 -4.77
C MET C 81 33.69 -20.15 -5.05
N LYS C 82 32.88 -20.45 -4.03
CA LYS C 82 31.44 -20.55 -4.24
C LYS C 82 30.82 -19.20 -4.57
N ASP C 83 31.44 -18.10 -4.14
CA ASP C 83 30.93 -16.77 -4.44
C ASP C 83 30.97 -16.45 -5.93
N SER C 84 31.66 -17.27 -6.73
CA SER C 84 31.66 -17.09 -8.18
C SER C 84 30.26 -17.26 -8.74
N ALA C 85 29.66 -16.16 -9.18
CA ALA C 85 28.30 -16.15 -9.73
C ALA C 85 28.08 -14.82 -10.41
N SER C 86 26.90 -14.66 -10.99
CA SER C 86 26.46 -13.38 -11.54
C SER C 86 25.57 -12.69 -10.51
N TYR C 87 25.78 -11.39 -10.35
CA TYR C 87 25.10 -10.61 -9.32
C TYR C 87 24.22 -9.55 -9.99
N LEU C 88 22.93 -9.59 -9.68
CA LEU C 88 21.94 -8.77 -10.35
C LEU C 88 21.55 -7.58 -9.47
N CYS C 89 21.50 -6.40 -10.07
CA CYS C 89 21.08 -5.18 -9.40
C CYS C 89 19.73 -4.76 -9.94
N ALA C 90 18.76 -4.57 -9.04
CA ALA C 90 17.39 -4.23 -9.42
C ALA C 90 16.88 -3.08 -8.56
N VAL C 91 16.13 -2.17 -9.18
CA VAL C 91 15.61 -0.98 -8.53
C VAL C 91 14.11 -0.91 -8.76
N LYS C 92 13.36 -0.54 -7.73
CA LYS C 92 11.92 -0.29 -7.86
C LYS C 92 11.68 1.20 -8.12
N ASP C 93 10.92 1.50 -9.17
CA ASP C 93 10.67 2.88 -9.55
C ASP C 93 9.46 3.42 -8.80
N SER C 94 8.95 4.58 -9.22
CA SER C 94 7.85 5.23 -8.52
C SER C 94 6.56 4.42 -8.61
N ASN C 95 6.41 3.63 -9.67
CA ASN C 95 5.25 2.77 -9.85
C ASN C 95 5.50 1.34 -9.40
N TYR C 96 6.49 1.14 -8.53
CA TYR C 96 6.85 -0.17 -7.99
C TYR C 96 7.21 -1.17 -9.08
N GLN C 97 7.61 -0.67 -10.25
CA GLN C 97 8.13 -1.53 -11.30
C GLN C 97 9.61 -1.82 -11.05
N LEU C 98 10.03 -3.03 -11.40
CA LEU C 98 11.39 -3.49 -11.10
C LEU C 98 12.23 -3.36 -12.37
N ILE C 99 13.23 -2.49 -12.32
CA ILE C 99 14.19 -2.32 -13.42
C ILE C 99 15.42 -3.15 -13.09
N TRP C 100 15.84 -3.99 -14.03
CA TRP C 100 16.91 -4.96 -13.81
C TRP C 100 18.16 -4.54 -14.56
N GLY C 101 19.31 -4.61 -13.88
CA GLY C 101 20.58 -4.49 -14.58
C GLY C 101 20.96 -5.77 -15.28
N ALA C 102 21.91 -5.66 -16.21
CA ALA C 102 22.36 -6.82 -16.95
C ALA C 102 23.13 -7.82 -16.08
N GLY C 103 23.55 -7.42 -14.89
CA GLY C 103 24.25 -8.34 -14.01
C GLY C 103 25.75 -8.28 -14.18
N THR C 104 26.46 -8.64 -13.12
CA THR C 104 27.92 -8.64 -13.10
C THR C 104 28.40 -10.05 -12.83
N LYS C 105 29.11 -10.62 -13.81
CA LYS C 105 29.68 -11.96 -13.67
C LYS C 105 30.93 -11.89 -12.82
N LEU C 106 30.84 -12.34 -11.57
CA LEU C 106 31.97 -12.35 -10.66
C LEU C 106 32.75 -13.64 -10.82
N ILE C 107 34.06 -13.52 -11.06
CA ILE C 107 34.94 -14.66 -11.27
C ILE C 107 35.99 -14.63 -10.16
N ILE C 108 36.09 -15.72 -9.41
CA ILE C 108 37.01 -15.82 -8.29
C ILE C 108 38.17 -16.72 -8.71
N LYS C 109 39.37 -16.15 -8.73
CA LYS C 109 40.56 -16.93 -9.02
C LYS C 109 41.03 -17.65 -7.76
N PRO C 110 41.49 -18.90 -7.88
CA PRO C 110 42.02 -19.60 -6.70
C PRO C 110 43.43 -19.12 -6.37
N ASP C 111 43.74 -19.15 -5.07
CA ASP C 111 45.08 -18.80 -4.59
C ASP C 111 45.94 -20.06 -4.66
N ILE C 112 46.49 -20.30 -5.84
CA ILE C 112 47.35 -21.47 -6.07
C ILE C 112 48.63 -21.28 -5.25
N GLN C 113 48.78 -22.10 -4.22
CA GLN C 113 49.88 -21.95 -3.27
C GLN C 113 51.16 -22.64 -3.73
N ASN C 114 51.05 -23.79 -4.39
CA ASN C 114 52.20 -24.57 -4.82
C ASN C 114 52.05 -24.91 -6.30
N PRO C 115 52.30 -23.94 -7.19
CA PRO C 115 52.12 -24.20 -8.62
C PRO C 115 53.14 -25.21 -9.15
N ASP C 116 52.75 -25.90 -10.21
CA ASP C 116 53.58 -26.90 -10.87
C ASP C 116 53.19 -27.00 -12.34
N PRO C 117 53.41 -25.95 -13.13
CA PRO C 117 52.87 -25.93 -14.50
C PRO C 117 53.41 -27.08 -15.34
N ALA C 118 52.51 -27.70 -16.10
CA ALA C 118 52.86 -28.84 -16.92
C ALA C 118 51.77 -29.06 -17.97
N VAL C 119 52.15 -29.72 -19.05
CA VAL C 119 51.23 -30.08 -20.13
C VAL C 119 51.37 -31.57 -20.38
N TYR C 120 50.26 -32.29 -20.27
CA TYR C 120 50.24 -33.76 -20.39
C TYR C 120 49.40 -34.17 -21.59
N GLN C 121 49.54 -35.45 -21.96
CA GLN C 121 48.78 -36.04 -23.06
C GLN C 121 48.07 -37.28 -22.54
N LEU C 122 46.74 -37.26 -22.55
CA LEU C 122 45.96 -38.35 -22.02
C LEU C 122 45.72 -39.42 -23.08
N ARG C 123 45.51 -40.65 -22.62
CA ARG C 123 45.37 -41.81 -23.50
C ARG C 123 43.92 -41.95 -23.95
N ASP C 124 43.72 -42.17 -25.25
CA ASP C 124 42.40 -42.41 -25.78
C ASP C 124 41.89 -43.79 -25.38
N SER C 125 40.58 -43.90 -25.19
CA SER C 125 39.94 -45.16 -24.87
C SER C 125 39.37 -45.86 -26.12
N LYS C 126 39.92 -45.55 -27.29
CA LYS C 126 39.60 -46.16 -28.59
C LYS C 126 38.20 -45.82 -29.09
N SER C 127 37.40 -45.07 -28.33
CA SER C 127 36.07 -44.70 -28.81
C SER C 127 36.12 -43.52 -29.78
N SER C 128 37.07 -42.61 -29.59
CA SER C 128 37.19 -41.42 -30.40
C SER C 128 38.50 -41.44 -31.19
N ASP C 129 38.53 -40.64 -32.26
CA ASP C 129 39.71 -40.52 -33.10
C ASP C 129 40.67 -39.44 -32.63
N LYS C 130 40.21 -38.52 -31.79
CA LYS C 130 41.04 -37.42 -31.32
C LYS C 130 41.82 -37.82 -30.07
N SER C 131 42.81 -36.99 -29.72
CA SER C 131 43.59 -37.17 -28.51
C SER C 131 43.72 -35.81 -27.83
N VAL C 132 43.66 -35.81 -26.51
CA VAL C 132 43.55 -34.57 -25.74
C VAL C 132 44.86 -34.26 -25.04
N CYS C 133 45.12 -32.97 -24.86
CA CYS C 133 46.25 -32.47 -24.09
C CYS C 133 45.73 -31.72 -22.87
N LEU C 134 46.36 -31.93 -21.73
CA LEU C 134 45.93 -31.34 -20.46
C LEU C 134 46.97 -30.35 -19.97
N PHE C 135 46.58 -29.07 -19.89
CA PHE C 135 47.40 -28.02 -19.29
C PHE C 135 46.85 -27.73 -17.91
N THR C 136 47.66 -27.95 -16.87
CA THR C 136 47.15 -27.89 -15.50
C THR C 136 48.24 -27.47 -14.53
N ASP C 137 47.85 -27.27 -13.27
CA ASP C 137 48.75 -27.02 -12.14
C ASP C 137 49.49 -25.69 -12.28
N PHE C 138 48.93 -24.75 -13.01
CA PHE C 138 49.48 -23.41 -13.09
C PHE C 138 48.71 -22.47 -12.17
N ASP C 139 49.35 -21.38 -11.78
CA ASP C 139 48.71 -20.43 -10.90
C ASP C 139 47.80 -19.49 -11.69
N SER C 140 46.98 -18.73 -10.95
CA SER C 140 45.90 -17.95 -11.54
C SER C 140 46.39 -16.84 -12.47
N GLN C 141 47.66 -16.47 -12.43
CA GLN C 141 48.15 -15.40 -13.28
C GLN C 141 48.31 -15.83 -14.73
N THR C 142 48.28 -17.13 -15.01
CA THR C 142 48.38 -17.61 -16.38
C THR C 142 46.99 -17.62 -17.02
N ASN C 143 46.88 -17.03 -18.20
CA ASN C 143 45.65 -17.05 -18.98
C ASN C 143 45.76 -18.07 -20.11
N VAL C 144 44.61 -18.56 -20.55
CA VAL C 144 44.52 -19.52 -21.65
C VAL C 144 43.73 -18.88 -22.77
N SER C 145 44.34 -18.75 -23.94
CA SER C 145 43.72 -18.14 -25.10
C SER C 145 43.39 -19.19 -26.15
N GLN C 146 42.40 -18.89 -26.97
CA GLN C 146 42.00 -19.80 -28.03
C GLN C 146 43.12 -19.93 -29.07
N SER C 147 43.11 -21.04 -29.79
CA SER C 147 44.11 -21.28 -30.81
C SER C 147 43.74 -20.57 -32.10
N LYS C 148 44.77 -20.32 -32.93
CA LYS C 148 44.55 -19.74 -34.24
C LYS C 148 44.11 -20.78 -35.27
N ASP C 149 44.14 -22.06 -34.91
CA ASP C 149 43.68 -23.14 -35.79
C ASP C 149 42.19 -23.35 -35.57
N SER C 150 41.43 -23.37 -36.67
CA SER C 150 39.98 -23.48 -36.56
C SER C 150 39.54 -24.87 -36.12
N ASP C 151 40.33 -25.90 -36.44
CA ASP C 151 39.99 -27.27 -36.09
C ASP C 151 40.67 -27.74 -34.81
N VAL C 152 41.25 -26.82 -34.04
CA VAL C 152 41.81 -27.12 -32.72
C VAL C 152 40.90 -26.48 -31.69
N TYR C 153 40.47 -27.27 -30.70
CA TYR C 153 39.53 -26.82 -29.69
C TYR C 153 40.23 -26.71 -28.34
N ILE C 154 40.09 -25.56 -27.70
CA ILE C 154 40.69 -25.30 -26.39
C ILE C 154 39.62 -24.69 -25.49
N THR C 155 39.42 -25.28 -24.32
CA THR C 155 38.48 -24.76 -23.34
C THR C 155 39.17 -23.75 -22.45
N ASP C 156 38.36 -22.94 -21.77
CA ASP C 156 38.90 -21.98 -20.81
C ASP C 156 39.39 -22.71 -19.56
N LYS C 157 40.18 -22.01 -18.76
CA LYS C 157 40.74 -22.61 -17.57
C LYS C 157 39.64 -22.93 -16.55
N CYS C 158 39.82 -24.04 -15.84
CA CYS C 158 38.86 -24.52 -14.85
C CYS C 158 39.60 -24.88 -13.58
N VAL C 159 38.93 -24.73 -12.45
CA VAL C 159 39.54 -24.93 -11.13
C VAL C 159 38.77 -26.01 -10.39
N LEU C 160 39.43 -27.14 -10.13
CA LEU C 160 38.85 -28.23 -9.37
C LEU C 160 39.42 -28.24 -7.95
N ASP C 161 38.65 -28.80 -7.02
CA ASP C 161 39.03 -28.84 -5.61
C ASP C 161 38.96 -30.26 -5.11
N MET C 162 40.10 -30.80 -4.68
CA MET C 162 40.15 -32.10 -3.98
C MET C 162 40.03 -31.79 -2.50
N ARG C 163 38.79 -31.78 -2.00
CA ARG C 163 38.51 -31.24 -0.68
C ARG C 163 39.23 -32.01 0.42
N SER C 164 39.26 -33.34 0.31
CA SER C 164 39.90 -34.16 1.35
C SER C 164 41.38 -33.84 1.50
N MET C 165 42.05 -33.52 0.39
CA MET C 165 43.47 -33.20 0.42
C MET C 165 43.75 -31.71 0.62
N ASP C 166 42.72 -30.87 0.60
CA ASP C 166 42.89 -29.41 0.63
C ASP C 166 43.81 -28.96 -0.50
N PHE C 167 43.30 -29.10 -1.72
CA PHE C 167 44.10 -28.93 -2.92
C PHE C 167 43.22 -28.46 -4.06
N LYS C 168 43.51 -27.28 -4.59
CA LYS C 168 42.88 -26.76 -5.80
C LYS C 168 43.91 -26.66 -6.92
N SER C 169 43.45 -26.76 -8.16
CA SER C 169 44.35 -26.69 -9.30
C SER C 169 43.59 -26.18 -10.51
N ASN C 170 44.19 -25.23 -11.23
CA ASN C 170 43.66 -24.81 -12.50
C ASN C 170 44.00 -25.83 -13.59
N SER C 171 43.20 -25.84 -14.64
CA SER C 171 43.39 -26.81 -15.71
C SER C 171 42.65 -26.35 -16.96
N ALA C 172 43.19 -26.73 -18.12
CA ALA C 172 42.59 -26.43 -19.41
C ALA C 172 42.84 -27.61 -20.34
N VAL C 173 41.87 -27.88 -21.20
CA VAL C 173 41.91 -29.04 -22.09
C VAL C 173 41.94 -28.55 -23.53
N ALA C 174 42.86 -29.10 -24.31
CA ALA C 174 42.93 -28.88 -25.75
C ALA C 174 42.84 -30.22 -26.46
N TRP C 175 42.09 -30.26 -27.55
CA TRP C 175 41.96 -31.49 -28.33
C TRP C 175 41.74 -31.14 -29.79
N SER C 176 42.16 -32.06 -30.66
CA SER C 176 41.97 -31.89 -32.10
C SER C 176 42.05 -33.26 -32.76
N ASN C 177 41.52 -33.33 -33.97
CA ASN C 177 41.52 -34.55 -34.76
C ASN C 177 42.70 -34.64 -35.74
N LYS C 178 43.46 -33.57 -35.89
CA LYS C 178 44.56 -33.55 -36.84
C LYS C 178 45.69 -34.48 -36.39
N SER C 179 46.48 -34.94 -37.36
CA SER C 179 47.61 -35.81 -37.05
C SER C 179 48.81 -35.03 -36.52
N ASP C 180 49.01 -33.81 -37.00
CA ASP C 180 50.14 -32.99 -36.57
C ASP C 180 49.96 -32.45 -35.15
N PHE C 181 48.78 -32.59 -34.56
CA PHE C 181 48.51 -32.01 -33.24
C PHE C 181 49.32 -32.74 -32.17
N ALA C 182 50.19 -31.99 -31.50
CA ALA C 182 50.94 -32.49 -30.36
C ALA C 182 50.86 -31.47 -29.24
N CYS C 183 51.07 -31.94 -28.01
CA CYS C 183 50.92 -31.06 -26.85
C CYS C 183 52.03 -30.03 -26.75
N ALA C 184 53.10 -30.15 -27.54
CA ALA C 184 54.15 -29.14 -27.53
C ALA C 184 53.72 -27.89 -28.29
N ASN C 185 52.88 -28.04 -29.31
CA ASN C 185 52.41 -26.93 -30.12
C ASN C 185 50.93 -26.60 -29.90
N ALA C 186 50.34 -27.10 -28.82
CA ALA C 186 48.90 -26.91 -28.61
C ALA C 186 48.59 -25.54 -28.03
N PHE C 187 49.27 -25.16 -26.94
CA PHE C 187 48.99 -23.92 -26.22
C PHE C 187 49.96 -22.80 -26.59
N ASN C 188 50.40 -22.74 -27.84
CA ASN C 188 51.35 -21.70 -28.23
C ASN C 188 50.72 -20.32 -28.22
N ASN C 189 49.42 -20.23 -28.50
CA ASN C 189 48.77 -18.92 -28.55
C ASN C 189 48.69 -18.27 -27.18
N SER C 190 48.68 -19.06 -26.12
CA SER C 190 48.63 -18.54 -24.76
C SER C 190 50.04 -18.32 -24.22
N ILE C 191 50.16 -17.37 -23.31
CA ILE C 191 51.45 -17.08 -22.68
C ILE C 191 51.66 -18.07 -21.54
N ILE C 192 52.55 -19.04 -21.77
CA ILE C 192 52.80 -20.12 -20.83
C ILE C 192 54.02 -19.77 -19.99
N PRO C 193 54.04 -20.07 -18.69
CA PRO C 193 55.23 -19.79 -17.87
C PRO C 193 56.45 -20.55 -18.38
N GLU C 194 57.62 -20.06 -17.96
CA GLU C 194 58.87 -20.64 -18.45
C GLU C 194 59.04 -22.07 -17.96
N ASP C 195 58.92 -22.28 -16.65
CA ASP C 195 59.13 -23.61 -16.05
C ASP C 195 57.93 -24.52 -16.30
N THR C 196 57.42 -24.53 -17.51
CA THR C 196 56.27 -25.38 -17.86
C THR C 196 56.78 -26.77 -18.21
N PHE C 197 56.48 -27.74 -17.34
CA PHE C 197 56.93 -29.11 -17.54
C PHE C 197 56.27 -29.71 -18.78
N PHE C 198 57.01 -30.59 -19.45
CA PHE C 198 56.56 -31.27 -20.65
C PHE C 198 56.95 -32.73 -20.56
N PRO C 199 56.24 -33.61 -21.27
CA PRO C 199 56.56 -35.04 -21.21
C PRO C 199 57.91 -35.34 -21.86
N SER C 200 58.50 -36.44 -21.42
CA SER C 200 59.79 -36.85 -21.96
C SER C 200 59.62 -37.61 -23.27
N PRO C 201 58.74 -38.64 -23.34
CA PRO C 201 58.55 -39.23 -24.67
C PRO C 201 57.60 -38.42 -25.54
N ASN D 2 8.40 -25.48 3.19
CA ASN D 2 7.84 -25.03 1.93
C ASN D 2 8.73 -25.46 0.76
N ALA D 3 8.10 -25.82 -0.35
CA ALA D 3 8.83 -26.27 -1.53
C ALA D 3 9.32 -25.12 -2.41
N GLY D 4 8.94 -23.89 -2.10
CA GLY D 4 9.38 -22.76 -2.90
C GLY D 4 8.54 -22.63 -4.16
N VAL D 5 9.20 -22.41 -5.29
CA VAL D 5 8.55 -22.24 -6.59
C VAL D 5 9.06 -23.31 -7.54
N THR D 6 8.15 -24.13 -8.04
CA THR D 6 8.49 -25.20 -8.97
C THR D 6 7.86 -24.90 -10.33
N GLN D 7 8.66 -24.98 -11.39
CA GLN D 7 8.18 -24.75 -12.74
C GLN D 7 8.60 -25.90 -13.65
N THR D 8 7.75 -26.18 -14.63
CA THR D 8 7.96 -27.26 -15.59
C THR D 8 7.63 -26.74 -16.99
N PRO D 9 8.33 -27.23 -18.02
CA PRO D 9 9.41 -28.22 -17.93
C PRO D 9 10.78 -27.58 -17.74
N LYS D 10 11.72 -28.37 -17.23
CA LYS D 10 13.09 -27.87 -17.04
C LYS D 10 13.74 -27.55 -18.39
N PHE D 11 13.51 -28.38 -19.40
CA PHE D 11 14.02 -28.16 -20.74
C PHE D 11 12.92 -28.44 -21.76
N GLN D 12 13.03 -27.79 -22.91
CA GLN D 12 12.06 -28.00 -23.97
C GLN D 12 12.64 -27.51 -25.29
N VAL D 13 12.41 -28.28 -26.36
CA VAL D 13 12.78 -27.91 -27.72
C VAL D 13 11.54 -28.06 -28.60
N LEU D 14 11.25 -27.03 -29.39
CA LEU D 14 10.04 -26.98 -30.19
C LEU D 14 10.37 -26.61 -31.63
N LYS D 15 9.50 -27.06 -32.54
CA LYS D 15 9.51 -26.53 -33.90
C LYS D 15 8.77 -25.20 -33.92
N THR D 16 9.05 -24.41 -34.96
CA THR D 16 8.57 -23.02 -34.99
C THR D 16 7.06 -22.93 -34.85
N GLY D 17 6.33 -23.84 -35.49
CA GLY D 17 4.87 -23.76 -35.46
C GLY D 17 4.23 -24.27 -34.18
N GLN D 18 4.97 -25.02 -33.37
CA GLN D 18 4.38 -25.71 -32.24
C GLN D 18 3.91 -24.73 -31.16
N SER D 19 3.02 -25.23 -30.30
CA SER D 19 2.55 -24.51 -29.12
C SER D 19 2.97 -25.29 -27.88
N MET D 20 3.02 -24.58 -26.75
CA MET D 20 3.46 -25.21 -25.51
C MET D 20 3.12 -24.29 -24.35
N THR D 21 2.88 -24.89 -23.18
CA THR D 21 2.51 -24.17 -21.97
C THR D 21 3.55 -24.42 -20.89
N LEU D 22 3.97 -23.36 -20.21
CA LEU D 22 4.85 -23.47 -19.05
C LEU D 22 4.01 -23.39 -17.77
N GLN D 23 4.31 -24.28 -16.83
CA GLN D 23 3.57 -24.37 -15.58
C GLN D 23 4.41 -23.81 -14.44
N CYS D 24 3.73 -23.23 -13.45
CA CYS D 24 4.41 -22.68 -12.28
C CYS D 24 3.44 -22.68 -11.10
N ALA D 25 3.95 -23.05 -9.93
CA ALA D 25 3.14 -23.09 -8.72
C ALA D 25 4.05 -22.92 -7.52
N GLN D 26 3.54 -22.24 -6.49
CA GLN D 26 4.26 -22.04 -5.24
C GLN D 26 3.36 -22.40 -4.07
N ASP D 27 3.96 -22.97 -3.03
CA ASP D 27 3.25 -23.36 -1.82
C ASP D 27 3.52 -22.44 -0.65
N MET D 28 4.00 -21.23 -0.93
CA MET D 28 4.29 -20.24 0.10
C MET D 28 3.13 -19.29 0.36
N ASN D 29 1.97 -19.56 -0.24
CA ASN D 29 0.78 -18.70 -0.12
C ASN D 29 1.11 -17.27 -0.51
N HIS D 30 1.80 -17.11 -1.63
CA HIS D 30 2.07 -15.80 -2.18
C HIS D 30 0.91 -15.35 -3.06
N ASN D 31 0.75 -14.04 -3.19
CA ASN D 31 -0.34 -13.48 -3.99
C ASN D 31 0.12 -12.95 -5.33
N SER D 32 1.42 -12.69 -5.49
CA SER D 32 1.97 -12.19 -6.74
C SER D 32 2.69 -13.31 -7.49
N MET D 33 2.57 -13.30 -8.81
CA MET D 33 3.26 -14.26 -9.66
C MET D 33 3.76 -13.54 -10.90
N TYR D 34 4.95 -13.92 -11.36
CA TYR D 34 5.61 -13.24 -12.45
C TYR D 34 6.19 -14.26 -13.42
N TRP D 35 6.38 -13.83 -14.67
CA TRP D 35 7.05 -14.63 -15.69
C TRP D 35 8.09 -13.74 -16.37
N TYR D 36 9.36 -14.00 -16.08
CA TYR D 36 10.47 -13.31 -16.71
C TYR D 36 11.10 -14.20 -17.78
N ARG D 37 11.85 -13.56 -18.68
CA ARG D 37 12.72 -14.27 -19.61
C ARG D 37 14.11 -13.65 -19.54
N GLN D 38 15.12 -14.50 -19.46
CA GLN D 38 16.50 -14.06 -19.31
C GLN D 38 17.26 -14.30 -20.60
N ASP D 39 17.91 -13.25 -21.10
CA ASP D 39 18.67 -13.32 -22.33
C ASP D 39 20.04 -12.70 -22.12
N PRO D 40 21.06 -13.16 -22.85
CA PRO D 40 22.42 -12.64 -22.63
C PRO D 40 22.51 -11.15 -22.95
N GLY D 41 23.25 -10.44 -22.10
CA GLY D 41 23.55 -9.04 -22.33
C GLY D 41 22.47 -8.06 -21.94
N MET D 42 21.44 -8.50 -21.20
CA MET D 42 20.37 -7.61 -20.81
C MET D 42 19.72 -8.12 -19.55
N GLY D 43 19.12 -7.21 -18.78
CA GLY D 43 18.44 -7.59 -17.57
C GLY D 43 17.18 -8.39 -17.82
N LEU D 44 16.63 -8.92 -16.74
CA LEU D 44 15.39 -9.69 -16.84
C LEU D 44 14.27 -8.83 -17.39
N ARG D 45 13.49 -9.40 -18.29
CA ARG D 45 12.34 -8.72 -18.90
C ARG D 45 11.06 -9.40 -18.46
N LEU D 46 10.11 -8.61 -17.95
CA LEU D 46 8.85 -9.16 -17.47
C LEU D 46 7.91 -9.40 -18.65
N ILE D 47 7.35 -10.61 -18.72
CA ILE D 47 6.43 -10.99 -19.79
C ILE D 47 5.01 -10.68 -19.37
N TYR D 48 4.58 -11.30 -18.27
CA TYR D 48 3.29 -11.03 -17.67
C TYR D 48 3.42 -11.16 -16.16
N TYR D 49 2.48 -10.57 -15.44
CA TYR D 49 2.45 -10.69 -13.99
C TYR D 49 1.01 -10.73 -13.52
N SER D 50 0.81 -11.33 -12.35
CA SER D 50 -0.49 -11.45 -11.71
C SER D 50 -0.38 -10.84 -10.32
N ALA D 51 -0.78 -9.57 -10.20
CA ALA D 51 -0.64 -8.86 -8.94
C ALA D 51 -1.45 -9.50 -7.83
N SER D 52 -2.59 -10.11 -8.17
CA SER D 52 -3.44 -10.79 -7.20
C SER D 52 -4.03 -12.02 -7.86
N GLU D 53 -4.87 -12.74 -7.10
CA GLU D 53 -5.43 -13.99 -7.59
C GLU D 53 -6.38 -13.79 -8.76
N GLY D 54 -7.07 -12.65 -8.80
CA GLY D 54 -8.08 -12.45 -9.83
C GLY D 54 -7.77 -11.37 -10.84
N THR D 55 -6.49 -11.17 -11.15
CA THR D 55 -6.11 -10.15 -12.12
C THR D 55 -4.72 -10.45 -12.66
N THR D 56 -4.53 -10.18 -13.95
CA THR D 56 -3.22 -10.22 -14.60
C THR D 56 -3.07 -8.98 -15.46
N ASP D 57 -1.85 -8.75 -15.93
CA ASP D 57 -1.59 -7.62 -16.81
C ASP D 57 -0.33 -7.88 -17.60
N LYS D 58 -0.22 -7.22 -18.75
CA LYS D 58 0.94 -7.36 -19.61
C LYS D 58 2.17 -6.74 -18.94
N GLY D 59 3.33 -7.31 -19.24
CA GLY D 59 4.61 -6.81 -18.78
C GLY D 59 5.28 -5.93 -19.80
N GLU D 60 6.61 -6.02 -19.86
CA GLU D 60 7.37 -5.23 -20.83
C GLU D 60 7.33 -5.86 -22.22
N VAL D 61 7.49 -7.18 -22.30
CA VAL D 61 7.54 -7.86 -23.59
C VAL D 61 6.48 -8.96 -23.62
N PRO D 62 5.20 -8.60 -23.80
CA PRO D 62 4.13 -9.61 -23.80
C PRO D 62 3.77 -10.17 -25.16
N ASN D 63 4.41 -9.70 -26.23
CA ASN D 63 4.06 -10.14 -27.57
C ASN D 63 4.38 -11.63 -27.74
N GLY D 64 3.38 -12.39 -28.20
CA GLY D 64 3.54 -13.81 -28.43
C GLY D 64 3.29 -14.68 -27.22
N TYR D 65 2.91 -14.12 -26.08
CA TYR D 65 2.70 -14.87 -24.86
C TYR D 65 1.30 -14.65 -24.33
N ASN D 66 0.85 -15.61 -23.52
CA ASN D 66 -0.40 -15.51 -22.79
C ASN D 66 -0.23 -16.18 -21.43
N VAL D 67 -0.99 -15.70 -20.44
CA VAL D 67 -0.95 -16.27 -19.10
C VAL D 67 -2.37 -16.47 -18.59
N SER D 68 -2.49 -17.34 -17.59
CA SER D 68 -3.78 -17.60 -16.95
C SER D 68 -3.50 -17.90 -15.48
N ARG D 69 -3.78 -16.93 -14.62
CA ARG D 69 -3.72 -17.17 -13.18
C ARG D 69 -4.84 -18.12 -12.79
N LEU D 70 -4.56 -19.43 -12.86
CA LEU D 70 -5.59 -20.43 -12.62
C LEU D 70 -6.20 -20.28 -11.23
N ASN D 71 -5.37 -20.03 -10.23
CA ASN D 71 -5.81 -19.78 -8.87
C ASN D 71 -4.72 -18.98 -8.17
N LYS D 72 -4.87 -18.78 -6.86
CA LYS D 72 -3.83 -18.10 -6.10
C LYS D 72 -2.52 -18.89 -6.09
N ARG D 73 -2.58 -20.19 -6.34
CA ARG D 73 -1.42 -21.05 -6.21
C ARG D 73 -0.68 -21.33 -7.52
N GLU D 74 -1.30 -21.04 -8.67
CA GLU D 74 -0.73 -21.45 -9.95
C GLU D 74 -0.76 -20.33 -10.96
N PHE D 75 0.34 -20.19 -11.71
CA PHE D 75 0.48 -19.25 -12.82
C PHE D 75 1.07 -20.02 -13.99
N SER D 76 0.48 -19.85 -15.17
CA SER D 76 0.90 -20.59 -16.36
C SER D 76 1.20 -19.65 -17.50
N LEU D 77 2.29 -19.91 -18.20
CA LEU D 77 2.71 -19.14 -19.37
C LEU D 77 2.50 -19.98 -20.62
N ARG D 78 1.90 -19.39 -21.65
CA ARG D 78 1.51 -20.13 -22.84
C ARG D 78 2.00 -19.43 -24.10
N LEU D 79 2.42 -20.23 -25.09
CA LEU D 79 2.78 -19.76 -26.42
C LEU D 79 1.97 -20.57 -27.43
N GLU D 80 1.10 -19.90 -28.17
CA GLU D 80 0.26 -20.62 -29.13
C GLU D 80 0.98 -20.86 -30.44
N SER D 81 1.95 -20.02 -30.79
CA SER D 81 2.76 -20.19 -31.99
C SER D 81 4.19 -19.79 -31.64
N ALA D 82 5.06 -20.79 -31.49
CA ALA D 82 6.42 -20.53 -31.09
C ALA D 82 7.15 -19.68 -32.14
N ALA D 83 8.31 -19.16 -31.76
CA ALA D 83 9.12 -18.33 -32.63
C ALA D 83 10.58 -18.47 -32.22
N PRO D 84 11.51 -18.43 -33.18
CA PRO D 84 12.93 -18.48 -32.81
C PRO D 84 13.34 -17.37 -31.86
N SER D 85 12.67 -16.21 -31.92
CA SER D 85 12.97 -15.13 -30.97
C SER D 85 12.59 -15.50 -29.55
N GLN D 86 11.67 -16.45 -29.37
CA GLN D 86 11.26 -16.88 -28.04
C GLN D 86 12.19 -17.94 -27.44
N THR D 87 13.29 -18.26 -28.13
CA THR D 87 14.34 -19.10 -27.56
C THR D 87 15.00 -18.33 -26.42
N SER D 88 14.77 -18.76 -25.18
CA SER D 88 15.27 -18.03 -24.02
C SER D 88 15.18 -18.95 -22.80
N VAL D 89 15.53 -18.40 -21.65
CA VAL D 89 15.37 -19.06 -20.36
C VAL D 89 14.27 -18.33 -19.61
N TYR D 90 13.18 -19.02 -19.33
CA TYR D 90 12.00 -18.43 -18.72
C TYR D 90 12.01 -18.73 -17.23
N PHE D 91 11.96 -17.67 -16.41
CA PHE D 91 11.93 -17.80 -14.97
C PHE D 91 10.56 -17.39 -14.44
N CYS D 92 10.08 -18.12 -13.45
CA CYS D 92 8.85 -17.80 -12.75
C CYS D 92 9.18 -17.33 -11.34
N ALA D 93 8.61 -16.20 -10.94
CA ALA D 93 8.85 -15.63 -9.63
C ALA D 93 7.52 -15.39 -8.92
N SER D 94 7.58 -15.35 -7.60
CA SER D 94 6.41 -15.05 -6.78
C SER D 94 6.83 -14.17 -5.62
N SER D 95 6.04 -13.13 -5.35
CA SER D 95 6.22 -12.26 -4.21
C SER D 95 5.02 -12.37 -3.29
N VAL D 96 5.23 -12.03 -2.03
CA VAL D 96 4.13 -12.08 -1.05
C VAL D 96 3.03 -11.12 -1.47
N TRP D 97 3.37 -9.88 -1.76
CA TRP D 97 2.44 -8.89 -2.28
C TRP D 97 3.16 -8.01 -3.28
N THR D 98 2.45 -7.60 -4.34
CA THR D 98 3.07 -6.74 -5.35
C THR D 98 3.15 -5.29 -4.89
N GLY D 99 2.25 -4.87 -4.01
CA GLY D 99 2.22 -3.50 -3.54
C GLY D 99 3.34 -3.15 -2.58
N GLU D 100 3.57 -4.02 -1.59
CA GLU D 100 4.61 -3.75 -0.59
C GLU D 100 5.98 -3.64 -1.27
N GLY D 101 6.74 -2.63 -0.86
CA GLY D 101 7.94 -2.26 -1.59
C GLY D 101 9.16 -3.09 -1.26
N SER D 102 9.34 -3.42 0.02
CA SER D 102 10.52 -4.17 0.45
C SER D 102 10.42 -5.66 0.16
N GLY D 103 9.32 -6.13 -0.41
CA GLY D 103 9.17 -7.55 -0.67
C GLY D 103 10.08 -8.01 -1.80
N GLU D 104 10.69 -9.18 -1.60
CA GLU D 104 11.60 -9.75 -2.58
C GLU D 104 10.90 -10.82 -3.41
N LEU D 105 11.60 -11.26 -4.45
CA LEU D 105 11.11 -12.29 -5.36
C LEU D 105 11.68 -13.65 -4.98
N PHE D 106 10.91 -14.70 -5.30
CA PHE D 106 11.33 -16.07 -5.13
C PHE D 106 11.20 -16.76 -6.48
N PHE D 107 12.31 -17.22 -7.03
CA PHE D 107 12.37 -17.70 -8.41
C PHE D 107 12.25 -19.22 -8.48
N GLY D 108 11.75 -19.68 -9.62
CA GLY D 108 11.78 -21.10 -9.93
C GLY D 108 13.09 -21.50 -10.60
N GLU D 109 13.25 -22.80 -10.80
CA GLU D 109 14.50 -23.34 -11.32
C GLU D 109 14.81 -22.85 -12.72
N GLY D 110 13.80 -22.43 -13.48
CA GLY D 110 14.04 -21.93 -14.81
C GLY D 110 13.76 -22.97 -15.88
N SER D 111 13.28 -22.52 -17.03
CA SER D 111 12.93 -23.38 -18.15
C SER D 111 13.68 -22.91 -19.38
N ARG D 112 14.48 -23.80 -19.97
N ARG D 112 14.47 -23.79 -19.98
CA ARG D 112 15.27 -23.50 -21.15
CA ARG D 112 15.28 -23.46 -21.14
C ARG D 112 14.48 -23.90 -22.39
C ARG D 112 14.55 -23.89 -22.41
N LEU D 113 14.18 -22.93 -23.24
CA LEU D 113 13.45 -23.17 -24.48
C LEU D 113 14.36 -22.90 -25.67
N THR D 114 14.29 -23.78 -26.67
CA THR D 114 15.02 -23.61 -27.92
C THR D 114 14.06 -23.92 -29.07
N VAL D 115 13.76 -22.91 -29.88
CA VAL D 115 12.81 -23.02 -30.98
C VAL D 115 13.61 -23.04 -32.28
N LEU D 116 13.40 -24.07 -33.10
CA LEU D 116 14.12 -24.25 -34.34
C LEU D 116 13.15 -24.29 -35.51
N GLU D 117 13.60 -23.83 -36.67
CA GLU D 117 12.79 -23.95 -37.88
C GLU D 117 12.64 -25.42 -38.28
N ASP D 118 13.72 -26.20 -38.16
CA ASP D 118 13.71 -27.61 -38.50
C ASP D 118 14.41 -28.38 -37.39
N LEU D 119 13.80 -29.47 -36.93
CA LEU D 119 14.34 -30.28 -35.86
C LEU D 119 15.51 -31.15 -36.31
N LYS D 120 15.95 -31.05 -37.57
CA LYS D 120 17.04 -31.87 -38.05
C LYS D 120 18.39 -31.45 -37.49
N ASN D 121 18.47 -30.32 -36.79
CA ASN D 121 19.72 -29.85 -36.20
C ASN D 121 19.96 -30.40 -34.80
N VAL D 122 19.06 -31.23 -34.29
CA VAL D 122 19.19 -31.76 -32.94
C VAL D 122 20.03 -33.03 -32.98
N PHE D 123 21.11 -33.04 -32.19
CA PHE D 123 22.00 -34.19 -32.11
C PHE D 123 22.29 -34.50 -30.65
N PRO D 124 22.26 -35.77 -30.26
CA PRO D 124 22.73 -36.15 -28.92
C PRO D 124 24.25 -36.12 -28.86
N PRO D 125 24.81 -35.98 -27.67
CA PRO D 125 26.27 -35.90 -27.55
C PRO D 125 26.93 -37.27 -27.64
N GLU D 126 28.20 -37.23 -28.02
CA GLU D 126 29.07 -38.41 -27.99
C GLU D 126 30.08 -38.24 -26.87
N VAL D 127 30.13 -39.22 -25.98
CA VAL D 127 30.95 -39.14 -24.77
C VAL D 127 32.13 -40.08 -24.89
N ALA D 128 33.29 -39.61 -24.45
CA ALA D 128 34.50 -40.42 -24.44
C ALA D 128 35.35 -40.02 -23.24
N VAL D 129 35.88 -41.01 -22.53
CA VAL D 129 36.74 -40.78 -21.38
C VAL D 129 38.18 -40.99 -21.80
N PHE D 130 39.09 -40.18 -21.25
CA PHE D 130 40.51 -40.26 -21.53
C PHE D 130 41.25 -40.53 -20.23
N GLU D 131 42.03 -41.60 -20.20
CA GLU D 131 42.71 -42.02 -18.98
C GLU D 131 43.90 -41.10 -18.70
N PRO D 132 44.28 -40.98 -17.42
CA PRO D 132 45.37 -40.06 -17.07
C PRO D 132 46.69 -40.45 -17.71
N SER D 133 47.56 -39.46 -17.89
CA SER D 133 48.87 -39.68 -18.46
C SER D 133 49.84 -40.15 -17.40
N GLU D 134 50.75 -41.06 -17.79
CA GLU D 134 51.74 -41.57 -16.85
C GLU D 134 52.70 -40.48 -16.40
N ALA D 135 52.92 -39.47 -17.23
CA ALA D 135 53.80 -38.37 -16.84
C ALA D 135 53.23 -37.60 -15.65
N GLU D 136 51.93 -37.33 -15.67
CA GLU D 136 51.30 -36.62 -14.56
C GLU D 136 51.32 -37.46 -13.28
N ILE D 137 51.08 -38.77 -13.41
CA ILE D 137 51.07 -39.64 -12.24
C ILE D 137 52.46 -39.71 -11.62
N SER D 138 53.50 -39.74 -12.46
CA SER D 138 54.87 -39.82 -11.94
C SER D 138 55.35 -38.47 -11.43
N HIS D 139 54.86 -37.37 -12.00
CA HIS D 139 55.28 -36.03 -11.60
C HIS D 139 54.48 -35.50 -10.40
N THR D 140 53.16 -35.68 -10.40
CA THR D 140 52.30 -35.10 -9.39
C THR D 140 51.76 -36.10 -8.38
N GLN D 141 51.88 -37.41 -8.65
CA GLN D 141 51.21 -38.44 -7.85
C GLN D 141 49.71 -38.19 -7.79
N LYS D 142 49.17 -37.63 -8.86
CA LYS D 142 47.73 -37.41 -9.02
C LYS D 142 47.34 -37.82 -10.42
N ALA D 143 46.07 -38.19 -10.59
CA ALA D 143 45.57 -38.67 -11.87
C ALA D 143 44.34 -37.85 -12.25
N THR D 144 44.36 -37.29 -13.45
CA THR D 144 43.28 -36.42 -13.94
C THR D 144 42.63 -37.08 -15.16
N LEU D 145 41.44 -37.65 -14.95
CA LEU D 145 40.64 -38.14 -16.05
C LEU D 145 39.92 -36.97 -16.72
N VAL D 146 39.80 -37.03 -18.04
CA VAL D 146 39.14 -35.97 -18.81
C VAL D 146 38.02 -36.60 -19.63
N CYS D 147 36.85 -35.97 -19.60
CA CYS D 147 35.67 -36.43 -20.33
C CYS D 147 35.27 -35.39 -21.36
N LEU D 148 34.91 -35.86 -22.55
CA LEU D 148 34.56 -34.98 -23.67
C LEU D 148 33.21 -35.38 -24.23
N ALA D 149 32.22 -34.50 -24.08
CA ALA D 149 30.91 -34.68 -24.70
C ALA D 149 30.86 -33.75 -25.91
N THR D 150 30.76 -34.32 -27.10
CA THR D 150 30.94 -33.58 -28.33
C THR D 150 29.78 -33.82 -29.30
N GLY D 151 29.53 -32.83 -30.15
CA GLY D 151 28.62 -32.99 -31.25
C GLY D 151 27.14 -32.95 -30.93
N PHE D 152 26.75 -32.25 -29.86
CA PHE D 152 25.35 -32.19 -29.46
C PHE D 152 24.77 -30.82 -29.78
N TYR D 153 23.44 -30.81 -29.93
CA TYR D 153 22.68 -29.60 -30.19
C TYR D 153 21.22 -29.86 -29.81
N PRO D 154 20.55 -28.94 -29.09
CA PRO D 154 21.10 -27.68 -28.59
C PRO D 154 21.93 -27.84 -27.33
N ASP D 155 22.10 -26.75 -26.58
CA ASP D 155 22.93 -26.74 -25.37
C ASP D 155 22.10 -27.17 -24.17
N HIS D 156 21.67 -28.43 -24.20
CA HIS D 156 20.87 -29.03 -23.14
C HIS D 156 21.59 -30.29 -22.67
N VAL D 157 22.60 -30.11 -21.82
CA VAL D 157 23.37 -31.23 -21.30
C VAL D 157 23.64 -31.01 -19.81
N GLU D 158 23.78 -32.11 -19.08
CA GLU D 158 24.14 -32.09 -17.67
C GLU D 158 25.19 -33.18 -17.44
N LEU D 159 26.43 -32.78 -17.22
CA LEU D 159 27.54 -33.72 -17.07
C LEU D 159 27.78 -34.02 -15.60
N SER D 160 27.79 -35.30 -15.26
CA SER D 160 28.02 -35.76 -13.90
C SER D 160 29.11 -36.82 -13.89
N TRP D 161 29.84 -36.89 -12.79
CA TRP D 161 30.90 -37.88 -12.59
C TRP D 161 30.43 -38.94 -11.61
N TRP D 162 30.79 -40.19 -11.89
CA TRP D 162 30.38 -41.33 -11.09
C TRP D 162 31.58 -42.21 -10.81
N VAL D 163 31.79 -42.54 -9.54
CA VAL D 163 32.91 -43.37 -9.10
C VAL D 163 32.35 -44.50 -8.24
N ASN D 164 32.45 -45.74 -8.74
CA ASN D 164 32.00 -46.93 -8.01
C ASN D 164 30.51 -46.85 -7.68
N GLY D 165 29.72 -46.36 -8.62
CA GLY D 165 28.27 -46.35 -8.47
C GLY D 165 27.69 -45.03 -8.01
N LYS D 166 28.37 -44.36 -7.09
CA LYS D 166 27.87 -43.11 -6.54
C LYS D 166 28.42 -41.92 -7.32
N GLU D 167 27.69 -40.81 -7.28
CA GLU D 167 28.12 -39.59 -7.93
C GLU D 167 29.12 -38.85 -7.05
N VAL D 168 30.13 -38.27 -7.69
CA VAL D 168 31.17 -37.54 -6.98
C VAL D 168 31.20 -36.10 -7.46
N HIS D 169 31.56 -35.20 -6.54
CA HIS D 169 31.72 -33.79 -6.85
C HIS D 169 33.09 -33.24 -6.53
N SER D 170 33.82 -33.86 -5.60
CA SER D 170 35.16 -33.40 -5.28
C SER D 170 36.12 -33.75 -6.42
N GLY D 171 37.04 -32.83 -6.71
CA GLY D 171 37.97 -33.05 -7.80
C GLY D 171 37.36 -32.96 -9.18
N VAL D 172 36.22 -32.29 -9.30
CA VAL D 172 35.49 -32.20 -10.57
C VAL D 172 35.46 -30.74 -11.01
N CYS D 173 35.69 -30.53 -12.31
CA CYS D 173 35.52 -29.22 -12.93
C CYS D 173 34.93 -29.42 -14.32
N THR D 174 33.81 -28.77 -14.58
CA THR D 174 33.14 -28.82 -15.88
C THR D 174 33.01 -27.42 -16.43
N ASP D 175 33.24 -27.29 -17.73
CA ASP D 175 33.19 -25.98 -18.37
C ASP D 175 31.82 -25.33 -18.13
N PRO D 176 31.77 -24.08 -17.67
CA PRO D 176 30.47 -23.43 -17.45
C PRO D 176 29.66 -23.25 -18.73
N GLN D 177 30.30 -23.25 -19.89
CA GLN D 177 29.63 -23.12 -21.17
C GLN D 177 30.37 -23.98 -22.18
N PRO D 178 29.65 -24.58 -23.13
CA PRO D 178 30.29 -25.41 -24.16
C PRO D 178 30.91 -24.54 -25.24
N LEU D 179 31.60 -25.20 -26.16
CA LEU D 179 32.25 -24.54 -27.30
C LEU D 179 31.53 -24.91 -28.59
N LYS D 180 31.31 -23.92 -29.44
CA LYS D 180 30.79 -24.19 -30.78
C LYS D 180 31.86 -24.92 -31.59
N GLU D 181 31.49 -26.08 -32.15
CA GLU D 181 32.45 -26.84 -32.94
C GLU D 181 32.77 -26.14 -34.26
N GLN D 182 31.80 -25.42 -34.83
CA GLN D 182 32.01 -24.60 -36.02
C GLN D 182 31.53 -23.20 -35.69
N PRO D 183 32.36 -22.39 -35.03
CA PRO D 183 31.86 -21.11 -34.49
C PRO D 183 31.29 -20.16 -35.53
N ALA D 184 31.62 -20.33 -36.81
CA ALA D 184 31.12 -19.42 -37.82
C ALA D 184 29.61 -19.59 -38.04
N LEU D 185 29.12 -20.82 -37.99
CA LEU D 185 27.73 -21.11 -38.30
C LEU D 185 26.83 -20.70 -37.13
N ASN D 186 25.56 -20.44 -37.46
CA ASN D 186 24.55 -20.13 -36.46
C ASN D 186 23.91 -21.38 -35.88
N ASP D 187 24.07 -22.53 -36.54
CA ASP D 187 23.55 -23.81 -36.07
C ASP D 187 24.66 -24.74 -35.60
N SER D 188 25.74 -24.18 -35.09
CA SER D 188 26.90 -24.98 -34.72
C SER D 188 26.60 -25.89 -33.53
N ARG D 189 27.09 -27.12 -33.61
CA ARG D 189 26.97 -28.07 -32.52
C ARG D 189 28.05 -27.82 -31.47
N TYR D 190 27.79 -28.29 -30.26
CA TYR D 190 28.59 -27.91 -29.10
C TYR D 190 29.43 -29.07 -28.59
N ALA D 191 30.46 -28.71 -27.81
CA ALA D 191 31.37 -29.69 -27.22
C ALA D 191 31.70 -29.22 -25.81
N LEU D 192 31.44 -30.08 -24.83
CA LEU D 192 31.69 -29.79 -23.43
C LEU D 192 32.82 -30.68 -22.91
N SER D 193 33.57 -30.16 -21.94
CA SER D 193 34.66 -30.91 -21.35
C SER D 193 34.54 -30.86 -19.82
N SER D 194 35.00 -31.93 -19.18
CA SER D 194 35.02 -32.03 -17.74
C SER D 194 36.21 -32.88 -17.33
N ARG D 195 36.67 -32.68 -16.09
N ARG D 195 36.64 -32.69 -16.08
CA ARG D 195 37.81 -33.45 -15.61
CA ARG D 195 37.84 -33.32 -15.53
C ARG D 195 37.58 -33.87 -14.17
C ARG D 195 37.54 -33.88 -14.14
N LEU D 196 38.09 -35.05 -13.84
CA LEU D 196 37.99 -35.64 -12.51
C LEU D 196 39.40 -36.03 -12.08
N ARG D 197 39.86 -35.47 -10.97
CA ARG D 197 41.20 -35.72 -10.46
C ARG D 197 41.13 -36.51 -9.17
N VAL D 198 41.92 -37.58 -9.10
CA VAL D 198 42.06 -38.40 -7.91
C VAL D 198 43.55 -38.66 -7.67
N SER D 199 43.84 -39.33 -6.56
CA SER D 199 45.22 -39.63 -6.23
C SER D 199 45.79 -40.68 -7.18
N ALA D 200 47.12 -40.82 -7.15
CA ALA D 200 47.77 -41.84 -7.96
C ALA D 200 47.38 -43.24 -7.50
N THR D 201 47.29 -43.45 -6.18
CA THR D 201 46.93 -44.76 -5.66
C THR D 201 45.49 -45.14 -6.02
N PHE D 202 44.59 -44.15 -6.03
CA PHE D 202 43.18 -44.46 -6.29
C PHE D 202 42.97 -44.86 -7.74
N TRP D 203 43.66 -44.21 -8.68
CA TRP D 203 43.50 -44.55 -10.08
C TRP D 203 44.18 -45.88 -10.40
N GLN D 204 45.34 -46.15 -9.81
CA GLN D 204 46.07 -47.38 -10.07
C GLN D 204 45.44 -48.60 -9.42
N ASN D 205 44.29 -48.45 -8.77
CA ASN D 205 43.55 -49.58 -8.22
C ASN D 205 42.59 -50.10 -9.27
N PRO D 206 42.80 -51.30 -9.82
CA PRO D 206 41.88 -51.80 -10.86
C PRO D 206 40.48 -52.11 -10.36
N ARG D 207 40.20 -51.89 -9.08
CA ARG D 207 38.88 -52.13 -8.52
C ARG D 207 37.95 -50.94 -8.66
N ASN D 208 38.49 -49.72 -8.72
CA ASN D 208 37.67 -48.53 -8.81
C ASN D 208 37.17 -48.31 -10.23
N HIS D 209 35.88 -48.03 -10.36
CA HIS D 209 35.24 -47.81 -11.65
C HIS D 209 34.90 -46.34 -11.81
N PHE D 210 35.23 -45.78 -12.97
CA PHE D 210 34.96 -44.37 -13.27
C PHE D 210 34.03 -44.29 -14.47
N ARG D 211 32.93 -43.57 -14.32
CA ARG D 211 31.97 -43.38 -15.41
C ARG D 211 31.65 -41.90 -15.55
N CYS D 212 31.81 -41.38 -16.76
CA CYS D 212 31.37 -40.04 -17.11
C CYS D 212 29.99 -40.13 -17.75
N GLN D 213 29.05 -39.34 -17.23
CA GLN D 213 27.66 -39.40 -17.66
C GLN D 213 27.19 -37.99 -18.00
N VAL D 214 26.59 -37.84 -19.18
CA VAL D 214 25.95 -36.60 -19.60
C VAL D 214 24.48 -36.88 -19.83
N GLN D 215 23.63 -35.91 -19.46
CA GLN D 215 22.19 -36.03 -19.58
C GLN D 215 21.74 -35.05 -20.67
N PHE D 216 21.40 -35.59 -21.84
CA PHE D 216 20.96 -34.76 -22.95
C PHE D 216 19.44 -34.63 -22.93
N TYR D 217 18.97 -33.40 -23.18
CA TYR D 217 17.55 -33.11 -23.28
C TYR D 217 17.23 -32.77 -24.73
N GLY D 218 16.56 -33.68 -25.42
CA GLY D 218 16.20 -33.46 -26.80
C GLY D 218 14.72 -33.56 -27.05
N LEU D 219 14.35 -34.26 -28.13
CA LEU D 219 12.94 -34.40 -28.47
C LEU D 219 12.25 -35.35 -27.50
N SER D 220 10.93 -35.38 -27.59
CA SER D 220 10.12 -36.35 -26.87
C SER D 220 9.77 -37.51 -27.80
N GLU D 221 9.34 -38.63 -27.19
CA GLU D 221 8.97 -39.79 -27.98
C GLU D 221 7.78 -39.52 -28.88
N ASN D 222 6.94 -38.53 -28.52
CA ASN D 222 5.78 -38.19 -29.35
C ASN D 222 6.18 -37.42 -30.60
N ASP D 223 7.32 -36.73 -30.59
CA ASP D 223 7.70 -35.90 -31.72
C ASP D 223 7.92 -36.72 -32.98
N GLU D 224 7.47 -36.19 -34.11
CA GLU D 224 7.70 -36.81 -35.40
C GLU D 224 9.15 -36.59 -35.84
N TRP D 225 9.76 -37.64 -36.39
CA TRP D 225 11.17 -37.59 -36.75
C TRP D 225 11.38 -37.74 -38.24
N THR D 226 11.08 -38.92 -38.82
CA THR D 226 11.18 -39.15 -40.26
C THR D 226 12.59 -38.85 -40.79
N GLN D 227 13.59 -39.40 -40.12
CA GLN D 227 14.98 -39.24 -40.52
C GLN D 227 15.68 -40.58 -40.45
N ASP D 228 16.88 -40.64 -41.04
CA ASP D 228 17.62 -41.90 -41.09
C ASP D 228 18.22 -42.26 -39.74
N ARG D 229 18.80 -41.28 -39.05
CA ARG D 229 19.45 -41.55 -37.78
C ARG D 229 18.44 -41.68 -36.65
N ALA D 230 18.91 -42.13 -35.50
CA ALA D 230 18.04 -42.35 -34.35
C ALA D 230 17.46 -41.02 -33.85
N LYS D 231 16.24 -41.10 -33.33
CA LYS D 231 15.55 -39.89 -32.87
C LYS D 231 16.31 -39.28 -31.69
N PRO D 232 16.66 -38.01 -31.76
CA PRO D 232 17.45 -37.36 -30.69
C PRO D 232 16.59 -36.99 -29.49
N VAL D 233 16.18 -38.02 -28.74
CA VAL D 233 15.31 -37.83 -27.58
C VAL D 233 16.14 -37.54 -26.35
N THR D 234 15.48 -37.12 -25.27
CA THR D 234 16.13 -37.00 -23.98
C THR D 234 16.73 -38.33 -23.58
N GLN D 235 18.04 -38.36 -23.33
CA GLN D 235 18.73 -39.61 -23.11
C GLN D 235 19.99 -39.37 -22.30
N ILE D 236 20.64 -40.46 -21.90
CA ILE D 236 21.90 -40.44 -21.18
C ILE D 236 22.93 -41.16 -22.04
N VAL D 237 23.98 -40.45 -22.43
CA VAL D 237 25.13 -41.03 -23.13
C VAL D 237 26.29 -41.07 -22.15
N SER D 238 26.89 -42.25 -22.00
CA SER D 238 27.92 -42.46 -20.99
C SER D 238 29.17 -43.07 -21.62
N ALA D 239 30.25 -43.02 -20.85
CA ALA D 239 31.51 -43.65 -21.19
C ALA D 239 32.27 -43.88 -19.89
N GLU D 240 32.99 -44.99 -19.81
CA GLU D 240 33.56 -45.43 -18.55
C GLU D 240 35.02 -45.85 -18.75
N ALA D 241 35.68 -46.17 -17.64
CA ALA D 241 37.06 -46.62 -17.61
C ALA D 241 37.36 -47.22 -16.25
N TRP D 242 38.05 -48.35 -16.25
CA TRP D 242 38.46 -49.01 -15.02
C TRP D 242 39.83 -48.52 -14.57
N GLY D 243 40.11 -48.74 -13.29
CA GLY D 243 41.44 -48.44 -12.77
C GLY D 243 42.50 -49.28 -13.46
N ARG D 244 43.72 -48.74 -13.51
CA ARG D 244 44.80 -49.35 -14.27
C ARG D 244 46.09 -49.26 -13.48
N ALA D 245 46.68 -50.41 -13.18
CA ALA D 245 47.96 -50.48 -12.48
C ALA D 245 49.10 -50.70 -13.47
N GLY E 4 -42.28 46.35 41.69
CA GLY E 4 -41.86 45.44 40.65
C GLY E 4 -42.56 45.67 39.33
N THR E 5 -42.73 46.95 38.98
CA THR E 5 -43.44 47.45 37.80
C THR E 5 -44.59 46.54 37.37
N ILE E 6 -44.65 46.21 36.08
CA ILE E 6 -45.73 45.41 35.49
C ILE E 6 -45.67 44.00 36.06
N PRO E 7 -46.80 43.29 36.13
CA PRO E 7 -46.75 41.87 36.57
C PRO E 7 -46.03 41.02 35.54
N LYS E 8 -44.94 40.40 35.97
CA LYS E 8 -44.15 39.56 35.07
C LYS E 8 -44.96 38.33 34.68
N PRO E 9 -45.01 37.98 33.40
CA PRO E 9 -45.81 36.82 32.97
C PRO E 9 -45.11 35.50 33.31
N THR E 10 -45.89 34.43 33.22
CA THR E 10 -45.39 33.08 33.43
C THR E 10 -45.39 32.33 32.11
N LEU E 11 -44.40 31.46 31.92
CA LEU E 11 -44.25 30.67 30.71
C LEU E 11 -44.04 29.22 31.10
N TRP E 12 -45.05 28.38 30.91
CA TRP E 12 -45.02 26.98 31.29
C TRP E 12 -45.30 26.09 30.09
N ALA E 13 -44.81 24.86 30.17
CA ALA E 13 -45.01 23.87 29.13
C ALA E 13 -45.83 22.71 29.70
N GLU E 14 -46.94 22.40 29.02
CA GLU E 14 -47.78 21.26 29.37
C GLU E 14 -47.72 20.21 28.28
N PRO E 15 -47.58 18.92 28.63
CA PRO E 15 -47.58 18.40 30.00
C PRO E 15 -46.26 18.59 30.74
N ASP E 16 -45.20 18.88 30.00
CA ASP E 16 -43.87 18.97 30.58
C ASP E 16 -42.96 19.73 29.60
N SER E 17 -41.81 20.15 30.10
CA SER E 17 -40.80 20.80 29.29
C SER E 17 -39.76 19.81 28.75
N VAL E 18 -39.95 18.51 28.98
CA VAL E 18 -39.09 17.46 28.46
C VAL E 18 -40.01 16.48 27.75
N ILE E 19 -40.03 16.53 26.42
CA ILE E 19 -41.01 15.84 25.61
C ILE E 19 -40.32 14.81 24.73
N THR E 20 -40.94 13.65 24.58
CA THR E 20 -40.42 12.63 23.67
C THR E 20 -40.68 13.05 22.23
N GLN E 21 -39.73 12.73 21.35
CA GLN E 21 -39.82 13.12 19.95
C GLN E 21 -41.12 12.64 19.33
N GLY E 22 -41.83 13.57 18.68
CA GLY E 22 -43.10 13.27 18.03
C GLY E 22 -44.32 13.47 18.90
N SER E 23 -44.14 13.70 20.20
CA SER E 23 -45.24 13.89 21.13
C SER E 23 -45.62 15.37 21.23
N PRO E 24 -46.85 15.67 21.60
CA PRO E 24 -47.30 17.06 21.63
C PRO E 24 -46.83 17.80 22.88
N VAL E 25 -46.85 19.12 22.78
CA VAL E 25 -46.53 20.01 23.89
C VAL E 25 -47.16 21.36 23.60
N THR E 26 -47.53 22.08 24.65
CA THR E 26 -48.15 23.40 24.53
C THR E 26 -47.44 24.37 25.44
N LEU E 27 -46.97 25.48 24.87
CA LEU E 27 -46.35 26.55 25.64
C LEU E 27 -47.41 27.60 25.98
N SER E 28 -47.51 27.94 27.26
CA SER E 28 -48.57 28.83 27.75
C SER E 28 -47.93 30.05 28.39
N CYS E 29 -48.22 31.23 27.82
CA CYS E 29 -47.81 32.50 28.39
C CYS E 29 -49.02 33.13 29.07
N GLN E 30 -48.88 33.45 30.35
CA GLN E 30 -49.99 33.93 31.16
C GLN E 30 -49.64 35.31 31.72
N GLY E 31 -50.33 36.34 31.24
CA GLY E 31 -50.26 37.67 31.77
C GLY E 31 -51.41 37.96 32.72
N SER E 32 -51.78 39.24 32.80
CA SER E 32 -52.91 39.64 33.62
C SER E 32 -54.22 39.19 32.95
N LEU E 33 -55.34 39.40 33.65
CA LEU E 33 -56.63 39.27 32.99
C LEU E 33 -56.85 40.40 31.99
N GLU E 34 -56.18 41.54 32.18
CA GLU E 34 -56.20 42.63 31.21
C GLU E 34 -55.40 42.32 29.97
N ALA E 35 -54.63 41.23 29.97
CA ALA E 35 -53.71 40.94 28.87
C ALA E 35 -54.45 40.83 27.55
N GLN E 36 -53.93 41.51 26.53
CA GLN E 36 -54.57 41.60 25.23
C GLN E 36 -53.90 40.73 24.18
N GLU E 37 -52.58 40.87 24.01
CA GLU E 37 -51.83 40.07 23.05
C GLU E 37 -50.51 39.65 23.66
N TYR E 38 -49.91 38.62 23.06
CA TYR E 38 -48.69 38.01 23.58
C TYR E 38 -47.63 37.94 22.50
N ARG E 39 -46.41 37.64 22.93
CA ARG E 39 -45.26 37.43 22.05
C ARG E 39 -44.44 36.27 22.58
N LEU E 40 -44.00 35.40 21.69
CA LEU E 40 -43.16 34.26 22.06
C LEU E 40 -41.85 34.33 21.28
N TYR E 41 -40.74 34.19 22.00
CA TYR E 41 -39.42 34.24 21.40
C TYR E 41 -38.61 33.02 21.83
N ARG E 42 -37.71 32.58 20.95
CA ARG E 42 -36.74 31.54 21.27
C ARG E 42 -35.35 32.14 21.23
N GLU E 43 -34.51 31.73 22.18
CA GLU E 43 -33.20 32.33 22.34
C GLU E 43 -32.22 31.89 21.26
N LYS E 44 -31.41 32.84 20.80
CA LYS E 44 -30.27 32.70 19.89
C LYS E 44 -30.68 32.43 18.44
N LYS E 45 -31.93 32.05 18.16
CA LYS E 45 -32.35 31.81 16.79
C LYS E 45 -33.87 31.91 16.73
N SER E 46 -34.37 32.74 15.81
CA SER E 46 -35.81 32.93 15.69
C SER E 46 -36.49 31.64 15.26
N ALA E 47 -37.65 31.37 15.85
CA ALA E 47 -38.38 30.14 15.57
C ALA E 47 -39.44 30.40 14.50
N SER E 48 -39.42 29.57 13.46
CA SER E 48 -40.33 29.74 12.33
C SER E 48 -41.74 29.27 12.62
N TRP E 49 -41.98 28.59 13.74
CA TRP E 49 -43.30 28.07 14.05
C TRP E 49 -44.16 29.05 14.84
N ILE E 50 -43.56 30.10 15.41
CA ILE E 50 -44.34 31.10 16.13
C ILE E 50 -45.13 31.96 15.15
N THR E 51 -44.59 32.19 13.94
CA THR E 51 -45.34 32.92 12.93
C THR E 51 -46.50 32.10 12.39
N ARG E 52 -46.37 30.78 12.37
CA ARG E 52 -47.40 29.91 11.83
C ARG E 52 -48.60 29.73 12.76
N ILE E 53 -48.50 30.19 14.00
CA ILE E 53 -49.58 30.03 14.96
C ILE E 53 -50.67 31.05 14.68
N ARG E 54 -51.93 30.59 14.75
CA ARG E 54 -53.06 31.45 14.44
C ARG E 54 -53.16 32.60 15.44
N PRO E 55 -53.65 33.77 15.00
CA PRO E 55 -53.75 34.91 15.93
C PRO E 55 -54.82 34.73 16.99
N GLU E 56 -55.88 33.98 16.69
CA GLU E 56 -56.88 33.70 17.72
C GLU E 56 -56.30 32.84 18.84
N LEU E 57 -55.36 31.96 18.52
CA LEU E 57 -54.69 31.16 19.54
C LEU E 57 -53.61 31.95 20.27
N VAL E 58 -52.97 32.90 19.58
CA VAL E 58 -52.04 33.80 20.25
C VAL E 58 -52.74 34.55 21.37
N LYS E 59 -53.98 34.99 21.13
CA LYS E 59 -54.84 35.46 22.21
C LYS E 59 -54.99 34.34 23.24
N ASN E 60 -54.81 34.69 24.51
CA ASN E 60 -54.70 33.80 25.67
C ASN E 60 -53.33 33.15 25.73
N GLY E 61 -52.42 33.48 24.81
CA GLY E 61 -51.02 33.11 24.95
C GLY E 61 -50.72 31.64 24.85
N GLN E 62 -51.39 30.93 23.95
CA GLN E 62 -51.22 29.49 23.78
C GLN E 62 -50.49 29.21 22.47
N PHE E 63 -49.38 28.48 22.57
CA PHE E 63 -48.60 28.07 21.40
C PHE E 63 -48.43 26.56 21.44
N HIS E 64 -49.20 25.85 20.63
CA HIS E 64 -49.28 24.40 20.68
C HIS E 64 -48.37 23.79 19.62
N ILE E 65 -47.79 22.64 19.95
CA ILE E 65 -46.93 21.89 19.05
C ILE E 65 -47.48 20.47 18.93
N PRO E 66 -48.01 20.08 17.76
CA PRO E 66 -48.57 18.72 17.62
C PRO E 66 -47.54 17.61 17.77
N SER E 67 -46.42 17.72 17.06
CA SER E 67 -45.32 16.76 17.16
C SER E 67 -44.02 17.53 17.28
N ILE E 68 -43.36 17.42 18.44
CA ILE E 68 -42.12 18.13 18.68
C ILE E 68 -41.03 17.55 17.79
N THR E 69 -40.15 18.43 17.30
CA THR E 69 -39.01 18.03 16.48
C THR E 69 -37.79 18.84 16.92
N TRP E 70 -36.73 18.76 16.12
CA TRP E 70 -35.49 19.47 16.46
C TRP E 70 -35.69 20.97 16.45
N GLU E 71 -36.56 21.49 15.58
CA GLU E 71 -36.74 22.92 15.41
C GLU E 71 -37.36 23.58 16.63
N HIS E 72 -38.12 22.85 17.44
CA HIS E 72 -38.85 23.42 18.56
C HIS E 72 -38.03 23.56 19.82
N THR E 73 -36.88 22.89 19.92
CA THR E 73 -36.11 22.91 21.16
C THR E 73 -35.38 24.23 21.34
N GLY E 74 -35.06 24.56 22.60
CA GLY E 74 -34.37 25.80 22.91
C GLY E 74 -34.95 26.53 24.09
N ARG E 75 -34.40 27.69 24.43
CA ARG E 75 -34.94 28.51 25.49
C ARG E 75 -36.03 29.42 24.94
N TYR E 76 -37.12 29.57 25.72
CA TYR E 76 -38.25 30.37 25.30
C TYR E 76 -38.57 31.43 26.35
N GLY E 77 -38.91 32.61 25.88
CA GLY E 77 -39.39 33.67 26.76
C GLY E 77 -40.54 34.40 26.10
N CYS E 78 -41.41 34.96 26.92
CA CYS E 78 -42.62 35.61 26.42
C CYS E 78 -42.87 36.91 27.17
N GLN E 79 -43.74 37.73 26.59
CA GLN E 79 -44.20 38.98 27.19
C GLN E 79 -45.57 39.31 26.64
N TYR E 80 -46.35 40.06 27.41
CA TYR E 80 -47.71 40.41 27.03
C TYR E 80 -47.88 41.94 27.04
N TYR E 81 -48.88 42.39 26.29
CA TYR E 81 -49.15 43.81 26.11
C TYR E 81 -50.41 44.17 26.88
N SER E 82 -50.30 45.18 27.76
CA SER E 82 -51.45 45.66 28.51
C SER E 82 -51.16 47.09 28.97
N ARG E 83 -52.12 47.98 28.73
CA ARG E 83 -52.06 49.37 29.19
C ARG E 83 -50.84 50.09 28.60
N ALA E 84 -50.80 50.12 27.27
CA ALA E 84 -49.85 50.92 26.49
C ALA E 84 -48.39 50.52 26.70
N ARG E 85 -48.13 49.30 27.19
CA ARG E 85 -46.75 48.87 27.40
C ARG E 85 -46.66 47.37 27.20
N TRP E 86 -45.50 46.94 26.69
CA TRP E 86 -45.14 45.52 26.68
C TRP E 86 -44.49 45.16 28.00
N SER E 87 -44.87 44.00 28.53
CA SER E 87 -44.32 43.55 29.80
C SER E 87 -42.87 43.14 29.66
N GLU E 88 -42.19 43.00 30.79
CA GLU E 88 -40.86 42.43 30.78
C GLU E 88 -40.94 40.95 30.44
N LEU E 89 -39.83 40.40 29.95
CA LEU E 89 -39.81 39.01 29.56
C LEU E 89 -40.04 38.09 30.75
N SER E 90 -40.72 36.99 30.50
CA SER E 90 -40.93 35.98 31.53
C SER E 90 -39.62 35.25 31.82
N ASP E 91 -39.64 34.45 32.88
CA ASP E 91 -38.50 33.59 33.14
C ASP E 91 -38.33 32.60 31.98
N PRO E 92 -37.11 32.35 31.53
CA PRO E 92 -36.92 31.52 30.34
C PRO E 92 -37.39 30.10 30.57
N LEU E 93 -37.98 29.51 29.52
CA LEU E 93 -38.47 28.13 29.55
C LEU E 93 -37.63 27.30 28.61
N VAL E 94 -37.09 26.19 29.12
CA VAL E 94 -36.22 25.31 28.36
C VAL E 94 -37.06 24.12 27.87
N LEU E 95 -37.27 24.06 26.56
CA LEU E 95 -38.00 22.95 25.94
C LEU E 95 -36.99 21.94 25.41
N VAL E 96 -37.11 20.70 25.86
CA VAL E 96 -36.17 19.64 25.53
C VAL E 96 -36.91 18.49 24.87
N MET E 97 -36.34 17.95 23.80
CA MET E 97 -36.85 16.78 23.12
C MET E 97 -35.92 15.60 23.35
N THR E 98 -36.48 14.44 23.65
CA THR E 98 -35.73 13.22 23.90
C THR E 98 -36.05 12.18 22.83
N GLY E 99 -35.40 11.02 22.94
CA GLY E 99 -35.65 9.93 22.02
C GLY E 99 -35.10 10.15 20.63
N ALA E 100 -34.05 10.94 20.49
CA ALA E 100 -33.46 11.20 19.18
C ALA E 100 -32.41 10.17 18.80
N TYR E 101 -31.64 9.70 19.76
CA TYR E 101 -30.61 8.69 19.56
C TYR E 101 -30.94 7.45 20.36
N PRO E 102 -30.33 6.30 20.04
CA PRO E 102 -30.51 5.11 20.86
C PRO E 102 -30.15 5.36 22.31
N LYS E 103 -30.84 4.66 23.20
CA LYS E 103 -30.63 4.86 24.62
C LYS E 103 -29.23 4.40 25.03
N PRO E 104 -28.58 5.11 25.95
CA PRO E 104 -27.31 4.64 26.49
C PRO E 104 -27.57 3.59 27.57
N THR E 105 -26.47 3.15 28.19
CA THR E 105 -26.53 2.15 29.26
C THR E 105 -26.01 2.77 30.55
N LEU E 106 -26.79 2.62 31.62
CA LEU E 106 -26.42 3.11 32.94
C LEU E 106 -26.03 1.94 33.83
N SER E 107 -24.97 2.13 34.62
CA SER E 107 -24.47 1.07 35.47
C SER E 107 -23.60 1.68 36.56
N ALA E 108 -23.48 0.95 37.67
CA ALA E 108 -22.61 1.34 38.77
C ALA E 108 -21.28 0.63 38.62
N GLN E 109 -20.19 1.42 38.62
CA GLN E 109 -18.88 0.82 38.37
C GLN E 109 -18.39 -0.05 39.52
N PRO E 110 -18.43 0.38 40.80
CA PRO E 110 -18.05 -0.55 41.87
C PRO E 110 -19.03 -1.71 42.00
N SER E 111 -20.25 -1.44 42.45
CA SER E 111 -21.26 -2.47 42.62
C SER E 111 -22.62 -1.79 42.64
N PRO E 112 -23.69 -2.52 42.28
CA PRO E 112 -25.03 -1.92 42.34
C PRO E 112 -25.53 -1.68 43.76
N VAL E 113 -25.03 -2.42 44.74
CA VAL E 113 -25.42 -2.25 46.13
C VAL E 113 -24.48 -1.25 46.78
N VAL E 114 -25.05 -0.28 47.50
CA VAL E 114 -24.30 0.78 48.15
C VAL E 114 -24.56 0.71 49.65
N THR E 115 -23.50 0.71 50.44
CA THR E 115 -23.64 0.69 51.89
C THR E 115 -24.31 1.98 52.37
N SER E 116 -24.97 1.89 53.52
CA SER E 116 -25.68 3.03 54.08
C SER E 116 -24.68 4.11 54.50
N GLY E 117 -24.83 5.31 53.94
CA GLY E 117 -23.96 6.42 54.25
C GLY E 117 -22.82 6.63 53.29
N GLY E 118 -22.59 5.69 52.36
CA GLY E 118 -21.51 5.79 51.40
C GLY E 118 -21.98 6.28 50.04
N ARG E 119 -21.01 6.67 49.22
CA ARG E 119 -21.26 7.15 47.88
C ARG E 119 -21.02 6.03 46.86
N VAL E 120 -21.26 6.34 45.59
CA VAL E 120 -21.10 5.37 44.51
C VAL E 120 -20.92 6.13 43.21
N THR E 121 -20.30 5.49 42.23
CA THR E 121 -20.09 6.07 40.92
C THR E 121 -20.94 5.33 39.88
N LEU E 122 -21.50 6.08 38.94
CA LEU E 122 -22.34 5.53 37.88
C LEU E 122 -21.72 5.81 36.53
N GLN E 123 -21.74 4.80 35.65
CA GLN E 123 -21.20 4.93 34.30
C GLN E 123 -22.35 4.92 33.30
N CYS E 124 -22.44 5.97 32.51
CA CYS E 124 -23.36 6.03 31.38
C CYS E 124 -22.56 5.81 30.11
N GLU E 125 -22.85 4.71 29.42
CA GLU E 125 -22.07 4.27 28.26
C GLU E 125 -22.93 4.25 27.01
N SER E 126 -22.33 4.59 25.88
CA SER E 126 -23.05 4.66 24.62
C SER E 126 -22.13 4.27 23.47
N GLN E 127 -22.72 3.63 22.45
CA GLN E 127 -21.99 3.40 21.21
C GLN E 127 -21.80 4.70 20.43
N VAL E 128 -22.75 5.62 20.54
CA VAL E 128 -22.66 6.90 19.86
C VAL E 128 -21.81 7.85 20.71
N ALA E 129 -20.84 8.50 20.07
CA ALA E 129 -20.01 9.48 20.76
C ALA E 129 -20.81 10.74 21.00
N PHE E 130 -21.18 10.97 22.26
CA PHE E 130 -21.96 12.14 22.63
C PHE E 130 -21.06 13.24 23.17
N GLY E 131 -21.41 14.49 22.84
CA GLY E 131 -20.67 15.62 23.38
C GLY E 131 -20.85 15.81 24.87
N GLY E 132 -21.91 15.24 25.45
CA GLY E 132 -22.14 15.34 26.88
C GLY E 132 -23.09 14.27 27.34
N PHE E 133 -23.16 14.11 28.66
CA PHE E 133 -24.05 13.16 29.29
C PHE E 133 -24.79 13.83 30.44
N ILE E 134 -26.02 13.40 30.68
CA ILE E 134 -26.87 13.96 31.72
C ILE E 134 -27.36 12.82 32.60
N LEU E 135 -27.44 13.07 33.90
CA LEU E 135 -27.91 12.09 34.87
C LEU E 135 -28.98 12.72 35.74
N CYS E 136 -30.15 12.10 35.78
CA CYS E 136 -31.30 12.62 36.53
C CYS E 136 -31.72 11.63 37.59
N LYS E 137 -32.13 12.14 38.74
CA LYS E 137 -32.67 11.33 39.83
C LYS E 137 -34.19 11.45 39.85
N GLU E 138 -34.87 10.32 39.94
CA GLU E 138 -36.32 10.30 39.97
C GLU E 138 -36.85 10.02 41.37
N HIS E 143 -39.64 18.67 38.84
CA HIS E 143 -39.49 17.72 39.95
C HIS E 143 -38.10 17.08 40.00
N PRO E 144 -37.57 16.58 38.88
CA PRO E 144 -36.21 16.04 38.91
C PRO E 144 -35.16 17.09 38.58
N GLN E 145 -33.97 16.90 39.14
CA GLN E 145 -32.82 17.75 38.87
C GLN E 145 -31.71 16.89 38.27
N CYS E 146 -31.13 17.38 37.17
CA CYS E 146 -30.11 16.65 36.45
C CYS E 146 -28.81 17.45 36.44
N LEU E 147 -27.69 16.74 36.45
CA LEU E 147 -26.37 17.36 36.35
C LEU E 147 -25.69 16.88 35.08
N ASN E 148 -25.08 17.81 34.36
CA ASN E 148 -24.38 17.50 33.12
C ASN E 148 -22.94 17.10 33.42
N SER E 149 -22.35 16.36 32.48
CA SER E 149 -20.95 16.00 32.57
C SER E 149 -20.09 16.98 31.80
N GLN E 150 -18.78 16.83 31.92
CA GLN E 150 -17.84 17.72 31.24
C GLN E 150 -17.97 17.57 29.73
N PRO E 151 -18.33 18.62 29.00
CA PRO E 151 -18.49 18.50 27.55
C PRO E 151 -17.15 18.25 26.86
N HIS E 152 -17.15 17.31 25.93
CA HIS E 152 -15.99 16.98 25.12
C HIS E 152 -16.37 17.16 23.66
N ALA E 153 -15.78 18.15 23.00
CA ALA E 153 -16.09 18.40 21.60
C ALA E 153 -15.72 17.23 20.71
N ARG E 154 -14.68 16.47 21.10
CA ARG E 154 -14.28 15.30 20.34
C ARG E 154 -15.30 14.16 20.47
N GLY E 155 -16.11 14.18 21.50
CA GLY E 155 -17.08 13.12 21.74
C GLY E 155 -16.57 12.12 22.76
N SER E 156 -17.52 11.44 23.42
CA SER E 156 -17.17 10.46 24.44
C SER E 156 -18.23 9.37 24.46
N SER E 157 -17.79 8.14 24.74
CA SER E 157 -18.67 7.00 24.88
C SER E 157 -19.07 6.74 26.33
N ARG E 158 -18.37 7.33 27.29
CA ARG E 158 -18.60 7.06 28.70
C ARG E 158 -18.70 8.38 29.46
N ALA E 159 -19.17 8.29 30.69
CA ALA E 159 -19.21 9.41 31.62
C ALA E 159 -19.44 8.85 33.02
N ILE E 160 -18.77 9.44 34.00
CA ILE E 160 -18.85 9.00 35.39
C ILE E 160 -19.48 10.09 36.23
N PHE E 161 -20.31 9.70 37.19
CA PHE E 161 -20.96 10.62 38.10
C PHE E 161 -20.85 10.09 39.52
N SER E 162 -20.45 10.95 40.45
CA SER E 162 -20.37 10.58 41.86
C SER E 162 -21.72 10.87 42.50
N VAL E 163 -22.43 9.81 42.90
CA VAL E 163 -23.72 9.94 43.55
C VAL E 163 -23.51 10.15 45.05
N GLY E 164 -24.15 11.18 45.59
CA GLY E 164 -24.03 11.52 46.99
C GLY E 164 -24.46 10.39 47.90
N PRO E 165 -24.14 10.52 49.20
CA PRO E 165 -24.47 9.44 50.16
C PRO E 165 -25.94 9.06 50.15
N VAL E 166 -26.22 7.82 49.75
CA VAL E 166 -27.60 7.36 49.62
C VAL E 166 -28.20 7.13 51.01
N SER E 167 -29.49 7.44 51.15
CA SER E 167 -30.17 7.15 52.40
C SER E 167 -31.03 5.90 52.24
N PRO E 168 -30.98 4.97 53.19
CA PRO E 168 -31.80 3.75 53.05
C PRO E 168 -33.29 3.99 53.26
N ASN E 169 -33.68 5.14 53.82
CA ASN E 169 -35.10 5.41 54.02
C ASN E 169 -35.82 5.64 52.70
N ARG E 170 -35.21 6.39 51.79
CA ARG E 170 -35.74 6.60 50.46
C ARG E 170 -35.00 5.72 49.46
N ARG E 171 -35.42 5.79 48.19
CA ARG E 171 -34.79 5.03 47.13
C ARG E 171 -34.08 5.95 46.16
N TRP E 172 -33.02 5.45 45.55
CA TRP E 172 -32.21 6.20 44.59
C TRP E 172 -32.40 5.58 43.20
N SER E 173 -33.10 6.30 42.33
CA SER E 173 -33.35 5.87 40.97
C SER E 173 -32.78 6.89 40.01
N HIS E 174 -32.07 6.43 38.98
CA HIS E 174 -31.37 7.32 38.06
C HIS E 174 -31.51 6.85 36.63
N ARG E 175 -31.61 7.82 35.71
CA ARG E 175 -31.53 7.57 34.27
C ARG E 175 -30.48 8.50 33.70
N CYS E 176 -29.98 8.16 32.51
CA CYS E 176 -29.00 9.01 31.85
C CYS E 176 -29.32 9.15 30.38
N TYR E 177 -29.03 10.33 29.84
CA TYR E 177 -29.18 10.63 28.42
C TYR E 177 -27.84 11.05 27.85
N GLY E 178 -27.74 11.00 26.52
CA GLY E 178 -26.62 11.55 25.80
C GLY E 178 -27.10 12.57 24.79
N TYR E 179 -26.29 13.60 24.57
CA TYR E 179 -26.69 14.68 23.66
C TYR E 179 -25.47 15.15 22.86
N ASP E 180 -25.77 15.79 21.73
CA ASP E 180 -24.76 16.43 20.90
C ASP E 180 -24.55 17.86 21.35
N LEU E 181 -23.32 18.35 21.18
CA LEU E 181 -23.01 19.73 21.58
C LEU E 181 -23.67 20.75 20.67
N ASN E 182 -23.98 20.38 19.42
CA ASN E 182 -24.67 21.28 18.52
C ASN E 182 -26.19 21.25 18.70
N SER E 183 -26.71 20.24 19.40
CA SER E 183 -28.13 20.15 19.73
C SER E 183 -28.25 19.86 21.22
N PRO E 184 -27.90 20.84 22.07
CA PRO E 184 -27.86 20.57 23.52
C PRO E 184 -29.22 20.31 24.12
N TYR E 185 -30.30 20.80 23.52
CA TYR E 185 -31.64 20.59 24.04
C TYR E 185 -32.35 19.43 23.35
N VAL E 186 -31.60 18.55 22.69
CA VAL E 186 -32.12 17.34 22.09
C VAL E 186 -31.34 16.17 22.67
N TRP E 187 -32.02 15.29 23.39
CA TRP E 187 -31.38 14.18 24.09
C TRP E 187 -31.75 12.86 23.44
N SER E 188 -31.02 11.82 23.82
CA SER E 188 -31.30 10.47 23.34
C SER E 188 -32.49 9.87 24.09
N SER E 189 -32.79 8.62 23.79
CA SER E 189 -33.78 7.90 24.56
C SER E 189 -33.25 7.67 25.98
N PRO E 190 -34.12 7.67 26.98
CA PRO E 190 -33.66 7.48 28.36
C PRO E 190 -33.09 6.10 28.57
N SER E 191 -31.99 6.03 29.32
CA SER E 191 -31.42 4.75 29.69
C SER E 191 -32.35 4.00 30.62
N ASP E 192 -32.12 2.70 30.75
CA ASP E 192 -32.93 1.89 31.64
C ASP E 192 -32.77 2.36 33.08
N LEU E 193 -33.89 2.46 33.79
CA LEU E 193 -33.88 2.95 35.16
C LEU E 193 -33.09 2.01 36.05
N LEU E 194 -32.01 2.53 36.64
CA LEU E 194 -31.11 1.77 37.49
C LEU E 194 -31.32 2.18 38.94
N GLU E 195 -31.54 1.20 39.82
CA GLU E 195 -31.74 1.44 41.24
C GLU E 195 -30.52 0.97 42.03
N LEU E 196 -30.45 1.41 43.27
CA LEU E 196 -29.31 1.13 44.12
C LEU E 196 -29.71 0.29 45.33
#